data_3QPM
#
_entry.id   3QPM
#
_cell.length_a   145.121
_cell.length_b   195.998
_cell.length_c   51.740
_cell.angle_alpha   90.00
_cell.angle_beta   105.23
_cell.angle_gamma   90.00
#
_symmetry.space_group_name_H-M   'C 1 2 1'
#
loop_
_entity.id
_entity.type
_entity.pdbx_description
1 polymer Peroxiredoxin
2 non-polymer GLYCEROL
3 water water
#
_entity_poly.entity_id   1
_entity_poly.type   'polypeptide(L)'
_entity_poly.pdbx_seq_one_letter_code
;MGHHHHHHMEEAAHVKNSQCHNYAGGHVYPGEAFRVPVSDHSLHLSKAKISKPAPQWEGTAVINGEFKELKLSDYRGKYL
VFFFYPLDFTFVCPTEIIAFSDRVHEFRAINTEVVACSVDSQFTHLAWIITPRKQGGLGPMKIPLLSDLTHQISKDYGVY
LEDQGHTLRGLFIIDEKGVLRQITMNDLPVGRSVDETLRLVQAFQYTDKHGEVCPAGWKPGSDTIIPDPSGKLKYFDKMK
;
_entity_poly.pdbx_strand_id   A,B,C,D,E
#
# COMPACT_ATOMS: atom_id res chain seq x y z
N LEU A 43 11.89 -18.15 -15.89
CA LEU A 43 12.31 -17.50 -14.61
C LEU A 43 13.51 -18.20 -13.95
N HIS A 44 14.57 -17.43 -13.72
CA HIS A 44 15.82 -17.92 -13.14
C HIS A 44 15.71 -17.95 -11.61
N LEU A 45 16.09 -19.09 -11.03
CA LEU A 45 16.02 -19.33 -9.58
C LEU A 45 17.39 -19.77 -9.05
N SER A 46 17.70 -19.38 -7.80
CA SER A 46 19.03 -19.57 -7.21
C SER A 46 18.93 -19.35 -5.68
N LYS A 47 19.87 -19.91 -4.92
CA LYS A 47 20.03 -19.55 -3.50
C LYS A 47 21.18 -18.54 -3.29
N ALA A 48 21.85 -18.15 -4.37
CA ALA A 48 22.99 -17.23 -4.25
C ALA A 48 22.54 -15.76 -4.22
N LYS A 49 22.79 -15.08 -3.09
CA LYS A 49 22.42 -13.67 -2.92
C LYS A 49 23.58 -12.85 -2.33
N ILE A 50 23.98 -11.79 -3.02
CA ILE A 50 25.06 -10.91 -2.51
C ILE A 50 24.66 -10.26 -1.16
N SER A 51 25.59 -10.26 -0.20
CA SER A 51 25.41 -9.72 1.16
C SER A 51 24.74 -10.70 2.16
N LYS A 52 24.52 -11.93 1.70
CA LYS A 52 23.94 -13.02 2.51
C LYS A 52 24.92 -14.20 2.53
N PRO A 53 24.74 -15.15 3.50
CA PRO A 53 25.64 -16.31 3.52
C PRO A 53 25.59 -17.12 2.21
N ALA A 54 26.77 -17.42 1.65
CA ALA A 54 26.86 -18.26 0.45
C ALA A 54 26.32 -19.67 0.74
N PRO A 55 25.56 -20.25 -0.21
CA PRO A 55 24.94 -21.58 0.03
C PRO A 55 25.97 -22.67 0.38
N GLN A 56 25.70 -23.47 1.42
CA GLN A 56 26.63 -24.57 1.76
C GLN A 56 26.77 -25.59 0.62
N TRP A 57 27.98 -26.15 0.48
CA TRP A 57 28.24 -27.29 -0.42
C TRP A 57 29.18 -28.32 0.20
N GLU A 58 29.01 -29.59 -0.20
CA GLU A 58 29.90 -30.71 0.14
C GLU A 58 30.05 -31.63 -1.07
N GLY A 59 31.26 -32.14 -1.31
CA GLY A 59 31.49 -33.13 -2.38
C GLY A 59 32.87 -33.76 -2.38
N THR A 60 33.10 -34.65 -3.34
CA THR A 60 34.41 -35.25 -3.55
C THR A 60 35.23 -34.35 -4.48
N ALA A 61 36.46 -34.02 -4.07
CA ALA A 61 37.42 -33.27 -4.90
C ALA A 61 38.70 -34.07 -5.18
N VAL A 62 39.38 -33.73 -6.27
CA VAL A 62 40.73 -34.26 -6.53
C VAL A 62 41.72 -33.24 -5.94
N ILE A 63 42.54 -33.68 -4.99
CA ILE A 63 43.50 -32.83 -4.29
C ILE A 63 44.85 -33.57 -4.27
N ASN A 64 45.87 -33.00 -4.91
CA ASN A 64 47.18 -33.64 -5.09
C ASN A 64 47.09 -35.10 -5.58
N GLY A 65 46.22 -35.34 -6.55
CA GLY A 65 46.04 -36.65 -7.15
C GLY A 65 45.26 -37.69 -6.36
N GLU A 66 44.67 -37.29 -5.24
CA GLU A 66 43.89 -38.17 -4.36
C GLU A 66 42.44 -37.70 -4.24
N PHE A 67 41.51 -38.63 -4.02
CA PHE A 67 40.11 -38.28 -3.77
C PHE A 67 39.88 -37.90 -2.30
N LYS A 68 39.30 -36.73 -2.05
CA LYS A 68 39.07 -36.23 -0.67
C LYS A 68 37.70 -35.54 -0.57
N GLU A 69 37.01 -35.74 0.55
CA GLU A 69 35.79 -34.98 0.84
C GLU A 69 36.15 -33.52 1.16
N LEU A 70 35.42 -32.58 0.55
CA LEU A 70 35.67 -31.14 0.71
C LEU A 70 34.34 -30.40 0.96
N LYS A 71 34.40 -29.37 1.82
CA LYS A 71 33.20 -28.60 2.23
C LYS A 71 33.47 -27.10 2.21
N LEU A 72 32.46 -26.29 1.87
CA LEU A 72 32.59 -24.83 1.93
C LEU A 72 33.04 -24.35 3.32
N SER A 73 32.45 -24.95 4.35
CA SER A 73 32.82 -24.61 5.76
C SER A 73 34.31 -24.82 6.14
N ASP A 74 35.02 -25.69 5.39
CA ASP A 74 36.47 -25.88 5.54
C ASP A 74 37.26 -24.57 5.32
N TYR A 75 36.67 -23.62 4.58
CA TYR A 75 37.35 -22.36 4.23
C TYR A 75 37.06 -21.16 5.15
N ARG A 76 36.25 -21.37 6.19
CA ARG A 76 35.94 -20.29 7.17
C ARG A 76 37.26 -19.73 7.71
N GLY A 77 37.38 -18.41 7.79
CA GLY A 77 38.62 -17.77 8.26
C GLY A 77 39.46 -17.22 7.12
N LYS A 78 39.13 -17.62 5.90
CA LYS A 78 39.85 -17.19 4.69
C LYS A 78 38.85 -16.72 3.62
N TYR A 79 39.30 -15.84 2.71
CA TYR A 79 38.54 -15.54 1.47
C TYR A 79 38.61 -16.75 0.52
N LEU A 80 37.58 -16.93 -0.32
CA LEU A 80 37.57 -18.03 -1.26
C LEU A 80 37.07 -17.53 -2.61
N VAL A 81 37.83 -17.80 -3.66
CA VAL A 81 37.36 -17.67 -5.05
C VAL A 81 36.86 -19.07 -5.45
N PHE A 82 35.55 -19.19 -5.67
CA PHE A 82 34.89 -20.46 -5.98
C PHE A 82 34.32 -20.31 -7.41
N PHE A 83 34.84 -21.08 -8.37
CA PHE A 83 34.37 -20.94 -9.78
C PHE A 83 33.96 -22.24 -10.47
N PHE A 84 32.95 -22.15 -11.33
CA PHE A 84 32.43 -23.25 -12.12
C PHE A 84 32.94 -23.10 -13.57
N TYR A 85 33.18 -24.22 -14.21
CA TYR A 85 33.52 -24.23 -15.64
C TYR A 85 32.70 -25.33 -16.29
N PRO A 86 32.33 -25.13 -17.59
CA PRO A 86 31.46 -26.10 -18.31
C PRO A 86 31.86 -27.60 -18.32
N LEU A 87 32.97 -27.97 -18.96
CA LEU A 87 33.27 -29.40 -19.22
C LEU A 87 34.77 -29.73 -19.30
N ASP A 88 35.18 -30.83 -18.66
CA ASP A 88 36.54 -31.39 -18.84
C ASP A 88 36.75 -31.77 -20.33
N PHE A 89 38.01 -31.70 -20.78
CA PHE A 89 38.44 -32.05 -22.16
C PHE A 89 37.90 -31.10 -23.26
N THR A 90 37.61 -29.86 -22.89
CA THR A 90 37.16 -28.84 -23.86
C THR A 90 38.18 -27.68 -24.03
N PHE A 91 37.72 -26.46 -24.28
CA PHE A 91 38.57 -25.48 -24.98
C PHE A 91 39.01 -24.26 -24.15
N VAL A 92 38.07 -23.40 -23.76
CA VAL A 92 38.39 -22.27 -22.89
C VAL A 92 38.67 -22.80 -21.47
N CYS A 93 37.88 -23.78 -21.02
CA CYS A 93 37.99 -24.34 -19.64
C CYS A 93 39.42 -24.60 -19.10
N PRO A 94 40.25 -25.43 -19.80
CA PRO A 94 41.62 -25.66 -19.31
C PRO A 94 42.48 -24.37 -19.19
N THR A 95 42.31 -23.40 -20.09
CA THR A 95 43.07 -22.13 -19.97
C THR A 95 42.75 -21.36 -18.67
N GLU A 96 41.50 -21.47 -18.20
CA GLU A 96 41.09 -20.78 -16.96
C GLU A 96 41.64 -21.49 -15.72
N ILE A 97 41.56 -22.82 -15.71
CA ILE A 97 42.02 -23.65 -14.58
C ILE A 97 43.56 -23.51 -14.42
N ILE A 98 44.27 -23.60 -15.55
CA ILE A 98 45.73 -23.39 -15.58
C ILE A 98 46.15 -21.98 -15.12
N ALA A 99 45.46 -20.95 -15.60
CA ALA A 99 45.76 -19.58 -15.20
C ALA A 99 45.69 -19.37 -13.69
N PHE A 100 44.63 -19.89 -13.05
CA PHE A 100 44.48 -19.79 -11.59
C PHE A 100 45.50 -20.66 -10.84
N SER A 101 45.72 -21.89 -11.30
CA SER A 101 46.69 -22.79 -10.65
C SER A 101 48.12 -22.19 -10.68
N ASP A 102 48.51 -21.70 -11.85
CA ASP A 102 49.84 -21.10 -12.04
C ASP A 102 50.03 -19.79 -11.27
N ARG A 103 48.93 -19.17 -10.82
CA ARG A 103 49.03 -17.94 -10.02
C ARG A 103 48.45 -18.06 -8.61
N VAL A 104 48.12 -19.27 -8.17
CA VAL A 104 47.43 -19.42 -6.88
C VAL A 104 48.26 -18.87 -5.69
N HIS A 105 49.59 -18.86 -5.83
CA HIS A 105 50.47 -18.30 -4.76
C HIS A 105 50.17 -16.81 -4.45
N GLU A 106 49.75 -16.06 -5.48
CA GLU A 106 49.41 -14.64 -5.29
C GLU A 106 48.18 -14.45 -4.38
N PHE A 107 47.19 -15.33 -4.52
CA PHE A 107 46.02 -15.34 -3.65
C PHE A 107 46.36 -15.85 -2.24
N ARG A 108 47.14 -16.93 -2.13
CA ARG A 108 47.51 -17.49 -0.81
C ARG A 108 48.33 -16.52 0.06
N ALA A 109 49.05 -15.61 -0.59
CA ALA A 109 49.84 -14.56 0.10
C ALA A 109 48.94 -13.55 0.81
N ILE A 110 47.67 -13.47 0.38
CA ILE A 110 46.67 -12.61 1.02
C ILE A 110 45.48 -13.40 1.63
N ASN A 111 45.77 -14.55 2.23
CA ASN A 111 44.79 -15.31 3.01
C ASN A 111 43.54 -15.67 2.19
N THR A 112 43.75 -15.99 0.91
CA THR A 112 42.67 -16.32 -0.02
C THR A 112 42.96 -17.66 -0.71
N GLU A 113 41.94 -18.52 -0.83
CA GLU A 113 42.07 -19.82 -1.52
C GLU A 113 41.26 -19.82 -2.84
N VAL A 114 41.51 -20.82 -3.69
CA VAL A 114 40.81 -20.98 -4.99
C VAL A 114 40.37 -22.45 -5.18
N VAL A 115 39.09 -22.65 -5.55
CA VAL A 115 38.52 -23.96 -5.82
C VAL A 115 37.74 -23.92 -7.16
N ALA A 116 37.99 -24.91 -8.02
CA ALA A 116 37.26 -25.08 -9.31
C ALA A 116 36.23 -26.23 -9.26
N CYS A 117 35.15 -26.14 -10.06
CA CYS A 117 34.04 -27.15 -10.03
C CYS A 117 33.40 -27.34 -11.41
N SER A 118 33.19 -28.59 -11.85
CA SER A 118 32.25 -28.88 -12.96
C SER A 118 31.33 -30.07 -12.67
N VAL A 119 30.40 -30.37 -13.59
CA VAL A 119 29.53 -31.55 -13.43
C VAL A 119 30.23 -32.89 -13.71
N ASP A 120 31.48 -32.87 -14.16
CA ASP A 120 32.25 -34.10 -14.44
C ASP A 120 32.55 -34.91 -13.15
N SER A 121 32.77 -36.22 -13.28
CA SER A 121 33.09 -37.10 -12.13
C SER A 121 34.55 -36.90 -11.66
N GLN A 122 34.85 -37.35 -10.44
CA GLN A 122 36.25 -37.29 -9.93
C GLN A 122 37.24 -38.13 -10.76
N PHE A 123 36.76 -39.21 -11.38
CA PHE A 123 37.60 -40.09 -12.22
C PHE A 123 38.01 -39.38 -13.53
N THR A 124 37.08 -38.64 -14.12
CA THR A 124 37.39 -37.81 -15.30
C THR A 124 38.33 -36.65 -14.96
N HIS A 125 38.08 -35.95 -13.84
CA HIS A 125 39.01 -34.90 -13.37
C HIS A 125 40.46 -35.45 -13.31
N LEU A 126 40.65 -36.63 -12.72
CA LEU A 126 42.01 -37.20 -12.56
C LEU A 126 42.65 -37.59 -13.90
N ALA A 127 41.86 -38.19 -14.80
CA ALA A 127 42.31 -38.46 -16.16
C ALA A 127 42.79 -37.19 -16.88
N TRP A 128 42.10 -36.08 -16.61
CA TRP A 128 42.41 -34.79 -17.26
C TRP A 128 43.71 -34.18 -16.68
N ILE A 129 43.90 -34.37 -15.38
CA ILE A 129 45.13 -33.93 -14.69
C ILE A 129 46.36 -34.71 -15.20
N ILE A 130 46.19 -36.00 -15.49
CA ILE A 130 47.26 -36.84 -16.04
C ILE A 130 47.63 -36.52 -17.51
N THR A 131 46.67 -36.03 -18.29
CA THR A 131 46.89 -35.60 -19.68
C THR A 131 47.83 -34.37 -19.77
N PRO A 132 48.88 -34.43 -20.62
CA PRO A 132 49.82 -33.30 -20.80
C PRO A 132 49.17 -32.05 -21.37
N ARG A 133 49.69 -30.87 -21.02
CA ARG A 133 49.16 -29.59 -21.50
C ARG A 133 49.15 -29.47 -23.02
N LYS A 134 50.15 -30.04 -23.68
CA LYS A 134 50.23 -30.01 -25.14
C LYS A 134 49.11 -30.79 -25.88
N GLN A 135 48.46 -31.72 -25.17
CA GLN A 135 47.28 -32.42 -25.72
C GLN A 135 45.95 -31.84 -25.21
N GLY A 136 45.98 -30.66 -24.60
CA GLY A 136 44.77 -30.03 -24.09
C GLY A 136 44.38 -30.49 -22.69
N GLY A 137 45.35 -31.08 -21.98
CA GLY A 137 45.19 -31.49 -20.58
C GLY A 137 45.65 -30.43 -19.60
N LEU A 138 45.66 -30.77 -18.30
CA LEU A 138 46.01 -29.81 -17.25
C LEU A 138 47.45 -29.94 -16.71
N GLY A 139 47.93 -31.18 -16.60
CA GLY A 139 49.18 -31.46 -15.88
C GLY A 139 48.90 -31.34 -14.38
N PRO A 140 49.93 -31.56 -13.52
CA PRO A 140 49.77 -31.42 -12.07
C PRO A 140 49.14 -30.07 -11.66
N MET A 141 48.22 -30.12 -10.71
CA MET A 141 47.40 -28.97 -10.31
C MET A 141 47.64 -28.61 -8.85
N LYS A 142 47.58 -27.32 -8.55
CA LYS A 142 47.78 -26.83 -7.18
C LYS A 142 46.46 -26.39 -6.53
N ILE A 143 45.34 -26.54 -7.26
CA ILE A 143 44.02 -26.19 -6.71
C ILE A 143 43.09 -27.42 -6.78
N PRO A 144 42.16 -27.57 -5.81
CA PRO A 144 41.21 -28.69 -5.87
C PRO A 144 40.25 -28.62 -7.07
N LEU A 145 39.95 -29.78 -7.66
CA LEU A 145 38.86 -29.92 -8.66
C LEU A 145 37.66 -30.69 -8.08
N LEU A 146 36.58 -29.97 -7.83
CA LEU A 146 35.37 -30.50 -7.19
C LEU A 146 34.42 -31.07 -8.25
N SER A 147 33.86 -32.25 -7.97
CA SER A 147 32.87 -32.89 -8.86
C SER A 147 31.43 -32.61 -8.37
N ASP A 148 30.54 -32.18 -9.28
CA ASP A 148 29.09 -32.00 -8.99
C ASP A 148 28.20 -32.91 -9.87
N LEU A 149 28.41 -34.23 -9.79
CA LEU A 149 27.65 -35.20 -10.61
C LEU A 149 26.11 -35.09 -10.50
N THR A 150 25.61 -34.78 -9.32
CA THR A 150 24.15 -34.73 -9.07
C THR A 150 23.50 -33.43 -9.57
N HIS A 151 24.34 -32.46 -9.93
CA HIS A 151 23.92 -31.10 -10.32
C HIS A 151 23.39 -30.22 -9.19
N GLN A 152 23.35 -30.72 -7.95
CA GLN A 152 22.76 -29.94 -6.85
C GLN A 152 23.52 -28.63 -6.55
N ILE A 153 24.85 -28.68 -6.57
CA ILE A 153 25.65 -27.49 -6.23
C ILE A 153 25.44 -26.40 -7.30
N SER A 154 25.51 -26.79 -8.59
CA SER A 154 25.27 -25.88 -9.73
C SER A 154 23.89 -25.19 -9.69
N LYS A 155 22.85 -25.94 -9.33
CA LYS A 155 21.50 -25.38 -9.21
C LYS A 155 21.38 -24.38 -8.05
N ASP A 156 21.99 -24.73 -6.90
CA ASP A 156 22.05 -23.84 -5.72
C ASP A 156 22.71 -22.49 -6.00
N TYR A 157 23.74 -22.49 -6.86
CA TYR A 157 24.46 -21.27 -7.24
C TYR A 157 23.90 -20.54 -8.49
N GLY A 158 22.84 -21.09 -9.10
CA GLY A 158 22.18 -20.46 -10.26
C GLY A 158 22.95 -20.46 -11.58
N VAL A 159 23.84 -21.43 -11.75
CA VAL A 159 24.73 -21.52 -12.94
C VAL A 159 24.44 -22.71 -13.88
N TYR A 160 23.45 -23.54 -13.55
CA TYR A 160 23.12 -24.75 -14.35
C TYR A 160 22.34 -24.41 -15.62
N LEU A 161 22.73 -24.98 -16.77
CA LEU A 161 22.00 -24.77 -18.05
C LEU A 161 21.17 -26.02 -18.34
N GLU A 162 19.86 -25.93 -18.09
CA GLU A 162 18.97 -27.09 -18.17
C GLU A 162 19.04 -27.82 -19.50
N ASP A 163 19.06 -27.07 -20.59
CA ASP A 163 19.02 -27.64 -21.93
C ASP A 163 20.31 -28.38 -22.33
N GLN A 164 21.43 -28.03 -21.69
CA GLN A 164 22.76 -28.54 -22.05
C GLN A 164 23.30 -29.61 -21.09
N GLY A 165 22.87 -29.55 -19.82
CA GLY A 165 23.32 -30.51 -18.79
C GLY A 165 24.68 -30.19 -18.17
N HIS A 166 25.11 -28.93 -18.22
CA HIS A 166 26.36 -28.47 -17.60
C HIS A 166 26.24 -26.97 -17.22
N THR A 167 27.27 -26.39 -16.60
CA THR A 167 27.19 -24.98 -16.16
C THR A 167 27.67 -23.98 -17.23
N LEU A 168 27.35 -22.69 -17.03
CA LEU A 168 28.08 -21.64 -17.75
C LEU A 168 29.38 -21.27 -16.97
N ARG A 169 30.06 -20.19 -17.35
CA ARG A 169 31.29 -19.75 -16.66
C ARG A 169 30.93 -18.81 -15.48
N GLY A 170 30.66 -19.36 -14.29
CA GLY A 170 30.30 -18.55 -13.09
C GLY A 170 31.34 -18.51 -11.95
N LEU A 171 31.69 -17.30 -11.48
CA LEU A 171 32.70 -17.11 -10.44
C LEU A 171 32.13 -16.34 -9.24
N PHE A 172 32.50 -16.73 -8.02
CA PHE A 172 31.90 -16.21 -6.80
C PHE A 172 33.02 -15.86 -5.81
N ILE A 173 32.95 -14.67 -5.20
CA ILE A 173 33.93 -14.26 -4.17
C ILE A 173 33.25 -14.26 -2.79
N ILE A 174 33.78 -15.04 -1.86
CA ILE A 174 33.19 -15.31 -0.54
C ILE A 174 34.19 -14.89 0.57
N ASP A 175 33.73 -14.12 1.58
CA ASP A 175 34.65 -13.54 2.59
C ASP A 175 34.92 -14.52 3.74
N GLU A 176 35.67 -14.09 4.78
CA GLU A 176 36.10 -15.02 5.84
C GLU A 176 34.98 -15.46 6.77
N LYS A 177 33.87 -14.73 6.76
CA LYS A 177 32.70 -15.08 7.57
C LYS A 177 31.68 -15.89 6.76
N GLY A 178 32.02 -16.23 5.52
CA GLY A 178 31.13 -17.00 4.63
C GLY A 178 30.10 -16.21 3.85
N VAL A 179 30.20 -14.87 3.83
CA VAL A 179 29.21 -14.02 3.17
C VAL A 179 29.59 -13.78 1.68
N LEU A 180 28.62 -13.88 0.78
CA LEU A 180 28.88 -13.64 -0.66
C LEU A 180 29.06 -12.14 -1.01
N ARG A 181 30.18 -11.81 -1.68
CA ARG A 181 30.52 -10.41 -2.01
C ARG A 181 30.46 -10.06 -3.51
N GLN A 182 30.61 -11.05 -4.39
CA GLN A 182 30.70 -10.75 -5.84
C GLN A 182 30.26 -11.94 -6.69
N ILE A 183 29.61 -11.68 -7.82
CA ILE A 183 29.23 -12.71 -8.82
C ILE A 183 29.61 -12.22 -10.24
N THR A 184 30.32 -13.06 -11.00
CA THR A 184 30.65 -12.79 -12.42
C THR A 184 30.24 -14.02 -13.24
N MET A 185 29.44 -13.83 -14.30
CA MET A 185 28.99 -14.95 -15.16
C MET A 185 29.16 -14.59 -16.64
N ASN A 186 29.83 -15.47 -17.40
CA ASN A 186 30.10 -15.28 -18.83
C ASN A 186 29.40 -16.37 -19.65
N ASP A 187 28.89 -16.01 -20.82
CA ASP A 187 28.48 -16.99 -21.82
C ASP A 187 29.70 -17.85 -22.26
N LEU A 188 29.43 -19.01 -22.86
CA LEU A 188 30.44 -20.04 -23.16
C LEU A 188 31.74 -19.66 -23.93
N PRO A 189 31.66 -18.80 -24.98
CA PRO A 189 32.87 -18.55 -25.81
C PRO A 189 33.98 -17.63 -25.25
N VAL A 190 33.76 -17.00 -24.09
CA VAL A 190 34.70 -15.97 -23.58
C VAL A 190 35.21 -16.25 -22.16
N GLY A 191 36.53 -16.43 -22.03
CA GLY A 191 37.15 -16.70 -20.71
C GLY A 191 37.20 -15.53 -19.75
N ARG A 192 37.41 -15.81 -18.46
CA ARG A 192 37.45 -14.79 -17.41
C ARG A 192 38.88 -14.26 -17.22
N SER A 193 39.07 -13.33 -16.28
CA SER A 193 40.40 -12.68 -16.03
C SER A 193 40.93 -12.85 -14.60
N VAL A 194 42.12 -13.45 -14.46
CA VAL A 194 42.77 -13.58 -13.13
C VAL A 194 43.13 -12.19 -12.56
N ASP A 195 43.58 -11.29 -13.44
CA ASP A 195 43.91 -9.90 -13.04
C ASP A 195 42.73 -9.20 -12.36
N GLU A 196 41.54 -9.28 -12.96
CA GLU A 196 40.38 -8.62 -12.38
C GLU A 196 39.92 -9.27 -11.07
N THR A 197 40.01 -10.60 -10.99
CA THR A 197 39.61 -11.34 -9.77
C THR A 197 40.47 -10.92 -8.59
N LEU A 198 41.79 -10.84 -8.80
CA LEU A 198 42.74 -10.33 -7.78
C LEU A 198 42.42 -8.91 -7.31
N ARG A 199 42.16 -7.99 -8.26
CA ARG A 199 41.79 -6.59 -7.92
C ARG A 199 40.58 -6.54 -7.00
N LEU A 200 39.58 -7.36 -7.29
CA LEU A 200 38.34 -7.39 -6.51
C LEU A 200 38.57 -7.95 -5.09
N VAL A 201 39.36 -9.02 -4.97
CA VAL A 201 39.72 -9.54 -3.64
C VAL A 201 40.45 -8.46 -2.80
N GLN A 202 41.44 -7.80 -3.40
CA GLN A 202 42.18 -6.71 -2.74
C GLN A 202 41.26 -5.58 -2.24
N ALA A 203 40.32 -5.16 -3.10
CA ALA A 203 39.35 -4.11 -2.74
C ALA A 203 38.42 -4.45 -1.59
N PHE A 204 37.87 -5.68 -1.60
CA PHE A 204 37.01 -6.11 -0.50
C PHE A 204 37.76 -6.22 0.83
N GLN A 205 39.01 -6.67 0.77
CA GLN A 205 39.86 -6.73 1.96
C GLN A 205 40.18 -5.33 2.50
N TYR A 206 40.42 -4.40 1.60
CA TYR A 206 40.65 -2.99 1.97
C TYR A 206 39.43 -2.38 2.65
N THR A 207 38.26 -2.46 2.02
CA THR A 207 37.04 -1.88 2.61
C THR A 207 36.63 -2.52 3.94
N ASP A 208 36.83 -3.83 4.09
CA ASP A 208 36.58 -4.54 5.35
C ASP A 208 37.44 -3.94 6.48
N LYS A 209 38.70 -3.63 6.18
CA LYS A 209 39.68 -3.17 7.17
C LYS A 209 39.63 -1.66 7.46
N HIS A 210 39.41 -0.85 6.43
CA HIS A 210 39.55 0.61 6.56
C HIS A 210 38.25 1.40 6.73
N GLY A 211 37.12 0.83 6.34
CA GLY A 211 35.85 1.53 6.42
C GLY A 211 35.69 2.71 5.47
N GLU A 212 36.60 2.83 4.51
CA GLU A 212 36.42 3.74 3.38
C GLU A 212 35.97 2.88 2.18
N VAL A 213 35.49 3.50 1.10
CA VAL A 213 34.98 2.72 -0.03
C VAL A 213 35.80 2.97 -1.30
N CYS A 214 35.77 2.01 -2.24
CA CYS A 214 36.69 2.00 -3.41
C CYS A 214 36.04 2.46 -4.73
N PRO A 215 36.55 3.57 -5.33
CA PRO A 215 36.07 4.09 -6.62
C PRO A 215 36.27 3.14 -7.80
N ALA A 216 35.61 3.44 -8.93
CA ALA A 216 35.83 2.72 -10.18
C ALA A 216 37.33 2.59 -10.46
N GLY A 217 37.75 1.39 -10.86
CA GLY A 217 39.13 1.14 -11.26
C GLY A 217 40.19 1.06 -10.16
N TRP A 218 39.77 1.16 -8.90
CA TRP A 218 40.69 1.11 -7.75
C TRP A 218 41.72 -0.01 -7.82
N LYS A 219 42.99 0.32 -7.55
CA LYS A 219 44.06 -0.66 -7.30
C LYS A 219 44.82 -0.26 -6.03
N PRO A 220 45.53 -1.20 -5.37
CA PRO A 220 46.24 -0.79 -4.13
C PRO A 220 47.06 0.50 -4.31
N GLY A 221 47.00 1.40 -3.33
CA GLY A 221 47.63 2.73 -3.44
C GLY A 221 46.79 3.85 -4.05
N SER A 222 45.63 3.51 -4.65
CA SER A 222 44.71 4.54 -5.21
C SER A 222 43.86 5.23 -4.14
N ASP A 223 43.39 6.44 -4.43
CA ASP A 223 42.56 7.22 -3.48
C ASP A 223 41.23 6.52 -3.15
N THR A 224 40.75 6.71 -1.91
CA THR A 224 39.46 6.18 -1.45
C THR A 224 38.56 7.27 -0.83
N ILE A 225 37.29 6.92 -0.59
CA ILE A 225 36.28 7.88 -0.12
C ILE A 225 35.73 7.55 1.26
N ILE A 226 35.59 8.59 2.10
CA ILE A 226 34.85 8.50 3.36
C ILE A 226 33.34 8.59 3.06
N PRO A 227 32.56 7.56 3.43
CA PRO A 227 31.13 7.48 3.04
C PRO A 227 30.20 8.33 3.92
N ASP A 228 30.40 9.65 3.87
CA ASP A 228 29.62 10.61 4.65
C ASP A 228 29.47 11.89 3.81
N PRO A 229 28.30 12.57 3.89
CA PRO A 229 28.04 13.76 3.06
C PRO A 229 29.07 14.89 3.21
N SER A 230 29.67 15.04 4.40
CA SER A 230 30.75 16.01 4.61
C SER A 230 32.15 15.41 4.36
N GLY A 231 32.43 14.26 4.95
CA GLY A 231 33.69 13.52 4.77
C GLY A 231 34.08 13.23 3.33
N LYS A 232 33.09 12.99 2.48
CA LYS A 232 33.31 12.72 1.05
C LYS A 232 34.09 13.81 0.32
N LEU A 233 33.99 15.05 0.80
CA LEU A 233 34.62 16.19 0.10
C LEU A 233 36.17 16.15 0.10
N LYS A 234 36.75 15.48 1.10
CA LYS A 234 38.19 15.18 1.15
C LYS A 234 38.70 14.42 -0.09
N TYR A 235 37.82 13.61 -0.69
CA TYR A 235 38.12 12.96 -1.97
C TYR A 235 37.73 13.82 -3.18
N PHE A 236 36.52 14.39 -3.16
CA PHE A 236 36.00 15.12 -4.33
C PHE A 236 36.62 16.51 -4.58
N ASP A 237 37.03 17.20 -3.53
CA ASP A 237 37.58 18.57 -3.68
C ASP A 237 39.11 18.58 -3.70
N HIS B 44 16.17 -16.27 -4.60
CA HIS B 44 16.48 -15.24 -5.64
C HIS B 44 15.73 -15.56 -6.95
N LEU B 45 14.90 -14.60 -7.38
CA LEU B 45 14.19 -14.69 -8.67
C LEU B 45 14.58 -13.54 -9.60
N SER B 46 14.54 -13.80 -10.91
CA SER B 46 15.01 -12.85 -11.91
C SER B 46 14.45 -13.27 -13.28
N LYS B 47 14.40 -12.35 -14.23
CA LYS B 47 14.13 -12.71 -15.64
C LYS B 47 15.40 -12.69 -16.51
N ALA B 48 16.53 -12.31 -15.91
CA ALA B 48 17.79 -12.21 -16.64
C ALA B 48 18.50 -13.55 -16.73
N LYS B 49 18.63 -14.06 -17.95
CA LYS B 49 19.28 -15.37 -18.19
C LYS B 49 20.30 -15.26 -19.33
N ILE B 50 21.55 -15.62 -19.06
CA ILE B 50 22.60 -15.57 -20.09
C ILE B 50 22.26 -16.53 -21.25
N SER B 51 22.46 -16.04 -22.47
CA SER B 51 22.14 -16.72 -23.74
C SER B 51 20.66 -16.66 -24.16
N LYS B 52 19.83 -15.99 -23.36
CA LYS B 52 18.43 -15.72 -23.69
C LYS B 52 18.21 -14.23 -23.95
N PRO B 53 17.08 -13.84 -24.60
CA PRO B 53 16.83 -12.40 -24.82
C PRO B 53 16.78 -11.63 -23.49
N ALA B 54 17.45 -10.49 -23.42
CA ALA B 54 17.45 -9.64 -22.23
C ALA B 54 16.03 -9.09 -21.99
N PRO B 55 15.57 -9.02 -20.72
CA PRO B 55 14.23 -8.53 -20.44
C PRO B 55 13.99 -7.11 -20.97
N GLN B 56 12.86 -6.90 -21.63
CA GLN B 56 12.53 -5.56 -22.16
C GLN B 56 12.36 -4.53 -21.03
N TRP B 57 12.82 -3.30 -21.28
CA TRP B 57 12.55 -2.17 -20.38
C TRP B 57 12.13 -0.90 -21.13
N GLU B 58 11.39 -0.03 -20.45
CA GLU B 58 10.96 1.29 -20.96
C GLU B 58 10.88 2.27 -19.80
N GLY B 59 11.32 3.50 -20.02
CA GLY B 59 11.23 4.52 -18.96
C GLY B 59 11.66 5.91 -19.40
N THR B 60 11.57 6.87 -18.47
CA THR B 60 12.03 8.23 -18.71
C THR B 60 13.52 8.37 -18.35
N ALA B 61 14.29 8.98 -19.26
CA ALA B 61 15.72 9.21 -19.10
C ALA B 61 16.07 10.68 -19.25
N VAL B 62 17.16 11.10 -18.61
CA VAL B 62 17.76 12.43 -18.86
C VAL B 62 18.86 12.28 -19.93
N ILE B 63 18.67 12.96 -21.05
CA ILE B 63 19.60 12.92 -22.19
C ILE B 63 19.87 14.36 -22.64
N ASN B 64 21.13 14.79 -22.52
CA ASN B 64 21.51 16.17 -22.84
C ASN B 64 20.65 17.22 -22.11
N GLY B 65 20.38 16.96 -20.84
CA GLY B 65 19.63 17.88 -19.99
C GLY B 65 18.11 17.87 -20.12
N GLU B 66 17.57 17.06 -21.02
CA GLU B 66 16.12 16.99 -21.26
C GLU B 66 15.54 15.62 -20.91
N PHE B 67 14.24 15.59 -20.61
CA PHE B 67 13.52 14.33 -20.36
C PHE B 67 13.08 13.68 -21.68
N LYS B 68 13.40 12.40 -21.83
CA LYS B 68 13.09 11.64 -23.05
C LYS B 68 12.67 10.21 -22.73
N GLU B 69 11.73 9.66 -23.51
CA GLU B 69 11.35 8.27 -23.35
C GLU B 69 12.39 7.36 -24.02
N LEU B 70 12.82 6.32 -23.30
CA LEU B 70 13.88 5.41 -23.78
C LEU B 70 13.53 3.93 -23.58
N LYS B 71 13.85 3.09 -24.57
CA LYS B 71 13.51 1.65 -24.56
C LYS B 71 14.71 0.78 -24.93
N LEU B 72 14.79 -0.42 -24.34
CA LEU B 72 15.86 -1.37 -24.70
C LEU B 72 15.90 -1.62 -26.21
N SER B 73 14.71 -1.79 -26.81
CA SER B 73 14.58 -2.02 -28.24
C SER B 73 15.15 -0.90 -29.13
N ASP B 74 15.30 0.31 -28.59
CA ASP B 74 15.96 1.41 -29.31
C ASP B 74 17.42 1.06 -29.68
N TYR B 75 18.01 0.11 -28.96
CA TYR B 75 19.43 -0.23 -29.15
C TYR B 75 19.73 -1.42 -30.08
N ARG B 76 18.69 -2.02 -30.67
CA ARG B 76 18.90 -3.15 -31.61
C ARG B 76 19.84 -2.71 -32.74
N GLY B 77 20.73 -3.61 -33.14
CA GLY B 77 21.79 -3.31 -34.11
C GLY B 77 23.13 -2.87 -33.52
N LYS B 78 23.16 -2.66 -32.19
CA LYS B 78 24.39 -2.26 -31.48
C LYS B 78 24.54 -3.12 -30.22
N TYR B 79 25.77 -3.30 -29.75
CA TYR B 79 26.03 -3.81 -28.38
C TYR B 79 25.64 -2.73 -27.38
N LEU B 80 25.23 -3.15 -26.17
CA LEU B 80 24.86 -2.23 -25.10
C LEU B 80 25.44 -2.70 -23.76
N VAL B 81 26.08 -1.78 -23.05
CA VAL B 81 26.48 -1.93 -21.65
C VAL B 81 25.41 -1.22 -20.83
N PHE B 82 24.60 -1.99 -20.11
CA PHE B 82 23.49 -1.47 -19.33
C PHE B 82 23.82 -1.73 -17.87
N PHE B 83 23.98 -0.67 -17.08
CA PHE B 83 24.39 -0.84 -15.66
C PHE B 83 23.55 -0.06 -14.65
N PHE B 84 23.34 -0.68 -13.49
CA PHE B 84 22.58 -0.09 -12.38
C PHE B 84 23.56 0.40 -11.30
N TYR B 85 23.22 1.50 -10.64
CA TYR B 85 23.99 1.98 -9.48
C TYR B 85 23.01 2.28 -8.34
N PRO B 86 23.46 2.09 -7.08
CA PRO B 86 22.57 2.31 -5.92
C PRO B 86 21.80 3.64 -5.82
N LEU B 87 22.48 4.78 -5.64
CA LEU B 87 21.79 6.06 -5.29
C LEU B 87 22.49 7.37 -5.73
N ASP B 88 21.70 8.30 -6.29
CA ASP B 88 22.18 9.67 -6.57
C ASP B 88 22.68 10.34 -5.28
N PHE B 89 23.66 11.23 -5.42
CA PHE B 89 24.26 11.96 -4.27
C PHE B 89 25.00 11.08 -3.25
N THR B 90 25.53 9.92 -3.70
CA THR B 90 26.35 9.08 -2.82
C THR B 90 27.82 9.04 -3.23
N PHE B 91 28.49 7.89 -3.01
CA PHE B 91 29.96 7.85 -2.91
C PHE B 91 30.70 7.16 -4.06
N VAL B 92 30.63 5.82 -4.15
CA VAL B 92 31.20 5.11 -5.30
C VAL B 92 30.46 5.44 -6.61
N CYS B 93 29.14 5.60 -6.52
CA CYS B 93 28.27 5.76 -7.70
C CYS B 93 28.72 6.85 -8.72
N PRO B 94 29.00 8.10 -8.26
CA PRO B 94 29.40 9.10 -9.26
C PRO B 94 30.75 8.78 -9.94
N THR B 95 31.67 8.12 -9.23
CA THR B 95 32.95 7.72 -9.85
C THR B 95 32.78 6.77 -11.03
N GLU B 96 31.80 5.85 -10.94
CA GLU B 96 31.51 4.90 -12.01
C GLU B 96 30.85 5.58 -13.21
N ILE B 97 29.86 6.44 -12.96
CA ILE B 97 29.15 7.15 -14.04
C ILE B 97 30.11 8.10 -14.79
N ILE B 98 30.94 8.83 -14.03
CA ILE B 98 31.95 9.73 -14.62
C ILE B 98 32.97 8.93 -15.46
N ALA B 99 33.41 7.79 -14.94
CA ALA B 99 34.37 6.95 -15.64
C ALA B 99 33.86 6.52 -17.03
N PHE B 100 32.62 6.04 -17.09
CA PHE B 100 32.04 5.60 -18.36
C PHE B 100 31.75 6.77 -19.32
N SER B 101 31.27 7.88 -18.78
CA SER B 101 30.97 9.09 -19.59
C SER B 101 32.23 9.70 -20.22
N ASP B 102 33.27 9.89 -19.42
CA ASP B 102 34.57 10.38 -19.92
C ASP B 102 35.23 9.45 -20.95
N ARG B 103 34.90 8.16 -20.91
CA ARG B 103 35.50 7.19 -21.84
C ARG B 103 34.52 6.61 -22.84
N VAL B 104 33.35 7.22 -22.98
CA VAL B 104 32.30 6.70 -23.86
C VAL B 104 32.69 6.63 -25.35
N HIS B 105 33.65 7.45 -25.77
CA HIS B 105 34.11 7.44 -27.17
C HIS B 105 34.74 6.10 -27.56
N GLU B 106 35.40 5.47 -26.59
CA GLU B 106 36.03 4.15 -26.78
C GLU B 106 35.01 3.05 -27.11
N PHE B 107 33.83 3.12 -26.52
CA PHE B 107 32.76 2.16 -26.82
C PHE B 107 32.07 2.50 -28.14
N ARG B 108 31.85 3.79 -28.39
CA ARG B 108 31.21 4.21 -29.64
C ARG B 108 32.04 3.90 -30.90
N ALA B 109 33.37 3.88 -30.77
CA ALA B 109 34.26 3.48 -31.89
C ALA B 109 34.04 2.02 -32.29
N ILE B 110 33.52 1.19 -31.38
CA ILE B 110 33.20 -0.20 -31.72
C ILE B 110 31.71 -0.52 -31.63
N ASN B 111 30.88 0.36 -32.17
CA ASN B 111 29.44 0.10 -32.33
C ASN B 111 28.74 -0.29 -31.01
N THR B 112 29.16 0.34 -29.90
CA THR B 112 28.62 0.03 -28.57
C THR B 112 28.17 1.30 -27.83
N GLU B 113 26.98 1.25 -27.21
CA GLU B 113 26.45 2.34 -26.37
C GLU B 113 26.43 1.97 -24.88
N VAL B 114 26.25 2.98 -24.02
CA VAL B 114 26.24 2.83 -22.54
C VAL B 114 25.04 3.58 -21.93
N VAL B 115 24.35 2.91 -21.00
CA VAL B 115 23.19 3.48 -20.30
C VAL B 115 23.29 3.16 -18.81
N ALA B 116 23.12 4.18 -17.96
CA ALA B 116 23.09 4.01 -16.49
C ALA B 116 21.66 4.13 -15.92
N CYS B 117 21.39 3.44 -14.80
CA CYS B 117 20.03 3.39 -14.22
C CYS B 117 20.05 3.32 -12.69
N SER B 118 19.21 4.12 -12.03
CA SER B 118 18.94 3.94 -10.59
C SER B 118 17.46 4.12 -10.25
N VAL B 119 17.08 3.81 -9.01
CA VAL B 119 15.69 4.00 -8.55
C VAL B 119 15.26 5.47 -8.36
N ASP B 120 16.22 6.41 -8.38
CA ASP B 120 15.92 7.84 -8.21
C ASP B 120 15.05 8.38 -9.36
N SER B 121 14.31 9.47 -9.12
CA SER B 121 13.47 10.09 -10.15
C SER B 121 14.30 10.87 -11.18
N GLN B 122 13.68 11.24 -12.31
CA GLN B 122 14.35 12.06 -13.32
C GLN B 122 14.69 13.49 -12.83
N PHE B 123 13.88 14.02 -11.91
CA PHE B 123 14.11 15.34 -11.34
C PHE B 123 15.35 15.37 -10.47
N THR B 124 15.58 14.28 -9.74
CA THR B 124 16.79 14.13 -8.93
C THR B 124 18.03 13.93 -9.79
N HIS B 125 17.93 13.12 -10.85
CA HIS B 125 19.00 12.93 -11.84
C HIS B 125 19.48 14.28 -12.42
N LEU B 126 18.53 15.12 -12.84
CA LEU B 126 18.87 16.44 -13.39
C LEU B 126 19.56 17.37 -12.37
N ALA B 127 19.08 17.38 -11.14
CA ALA B 127 19.71 18.12 -10.03
C ALA B 127 21.16 17.66 -9.76
N TRP B 128 21.40 16.37 -9.94
CA TRP B 128 22.74 15.78 -9.77
C TRP B 128 23.68 16.17 -10.91
N ILE B 129 23.15 16.19 -12.13
CA ILE B 129 23.91 16.58 -13.31
C ILE B 129 24.37 18.05 -13.22
N ILE B 130 23.53 18.88 -12.62
CA ILE B 130 23.79 20.29 -12.46
C ILE B 130 24.74 20.60 -11.33
N THR B 131 24.86 19.71 -10.38
CA THR B 131 25.81 19.80 -9.26
C THR B 131 27.26 19.61 -9.78
N PRO B 132 28.20 20.50 -9.38
CA PRO B 132 29.60 20.38 -9.83
C PRO B 132 30.34 19.16 -9.26
N ARG B 133 31.28 18.61 -10.03
CA ARG B 133 32.05 17.43 -9.63
C ARG B 133 32.71 17.59 -8.26
N LYS B 134 33.17 18.81 -7.94
CA LYS B 134 33.85 19.09 -6.65
C LYS B 134 32.96 18.95 -5.42
N GLN B 135 31.64 19.04 -5.63
CA GLN B 135 30.66 18.83 -4.56
C GLN B 135 30.06 17.41 -4.57
N GLY B 136 30.71 16.48 -5.29
CA GLY B 136 30.20 15.10 -5.41
C GLY B 136 29.08 14.94 -6.43
N GLY B 137 28.96 15.89 -7.34
CA GLY B 137 28.00 15.85 -8.45
C GLY B 137 28.62 15.29 -9.72
N LEU B 138 27.89 15.35 -10.83
CA LEU B 138 28.36 14.73 -12.07
C LEU B 138 28.90 15.71 -13.12
N GLY B 139 28.33 16.93 -13.17
CA GLY B 139 28.58 17.84 -14.29
C GLY B 139 27.88 17.31 -15.52
N PRO B 140 28.05 17.97 -16.68
CA PRO B 140 27.37 17.54 -17.92
C PRO B 140 27.71 16.10 -18.31
N MET B 141 26.73 15.35 -18.80
CA MET B 141 26.89 13.91 -19.07
C MET B 141 26.73 13.54 -20.53
N LYS B 142 27.48 12.53 -20.96
CA LYS B 142 27.44 12.09 -22.35
C LYS B 142 26.73 10.74 -22.52
N ILE B 143 26.18 10.21 -21.44
CA ILE B 143 25.36 8.97 -21.47
C ILE B 143 24.00 9.21 -20.77
N PRO B 144 22.93 8.54 -21.22
CA PRO B 144 21.59 8.69 -20.59
C PRO B 144 21.54 8.19 -19.14
N LEU B 145 20.83 8.90 -18.26
CA LEU B 145 20.51 8.37 -16.92
C LEU B 145 19.03 8.01 -16.84
N LEU B 146 18.75 6.70 -16.75
CA LEU B 146 17.39 6.18 -16.71
C LEU B 146 16.85 6.13 -15.27
N SER B 147 15.56 6.43 -15.12
CA SER B 147 14.88 6.40 -13.81
C SER B 147 14.00 5.14 -13.65
N ASP B 148 14.16 4.43 -12.54
CA ASP B 148 13.34 3.23 -12.25
C ASP B 148 12.50 3.38 -10.95
N LEU B 149 11.67 4.43 -10.87
CA LEU B 149 10.89 4.73 -9.65
C LEU B 149 9.99 3.56 -9.17
N THR B 150 9.37 2.83 -10.09
CA THR B 150 8.48 1.71 -9.70
C THR B 150 9.20 0.45 -9.20
N HIS B 151 10.51 0.37 -9.44
CA HIS B 151 11.36 -0.79 -9.10
C HIS B 151 11.20 -2.00 -10.03
N GLN B 152 10.34 -1.89 -11.04
CA GLN B 152 10.06 -3.02 -11.92
C GLN B 152 11.27 -3.48 -12.77
N ILE B 153 12.08 -2.54 -13.24
CA ILE B 153 13.23 -2.86 -14.10
C ILE B 153 14.30 -3.58 -13.24
N SER B 154 14.58 -3.01 -12.06
CA SER B 154 15.53 -3.61 -11.10
C SER B 154 15.15 -5.06 -10.77
N LYS B 155 13.86 -5.27 -10.48
CA LYS B 155 13.36 -6.60 -10.12
C LYS B 155 13.50 -7.60 -11.28
N ASP B 156 13.15 -7.15 -12.50
CA ASP B 156 13.31 -7.97 -13.73
C ASP B 156 14.77 -8.40 -13.98
N TYR B 157 15.74 -7.54 -13.64
CA TYR B 157 17.16 -7.84 -13.81
C TYR B 157 17.84 -8.53 -12.59
N GLY B 158 17.08 -8.72 -11.51
CA GLY B 158 17.55 -9.44 -10.32
C GLY B 158 18.56 -8.71 -9.45
N VAL B 159 18.51 -7.39 -9.47
CA VAL B 159 19.49 -6.53 -8.74
C VAL B 159 18.90 -5.70 -7.58
N TYR B 160 17.61 -5.86 -7.32
CA TYR B 160 16.89 -5.09 -6.28
C TYR B 160 17.15 -5.66 -4.88
N LEU B 161 17.48 -4.78 -3.93
CA LEU B 161 17.67 -5.18 -2.51
C LEU B 161 16.42 -4.85 -1.69
N GLU B 162 15.62 -5.86 -1.36
CA GLU B 162 14.30 -5.64 -0.75
C GLU B 162 14.38 -4.92 0.61
N ASP B 163 15.44 -5.19 1.37
CA ASP B 163 15.67 -4.55 2.69
C ASP B 163 16.06 -3.07 2.65
N GLN B 164 16.65 -2.63 1.54
CA GLN B 164 17.25 -1.29 1.43
C GLN B 164 16.46 -0.35 0.52
N GLY B 165 15.68 -0.91 -0.40
CA GLY B 165 14.90 -0.08 -1.34
C GLY B 165 15.66 0.49 -2.53
N HIS B 166 16.82 -0.08 -2.84
CA HIS B 166 17.61 0.30 -4.03
C HIS B 166 18.39 -0.90 -4.57
N THR B 167 19.12 -0.71 -5.68
CA THR B 167 19.89 -1.81 -6.28
C THR B 167 21.30 -1.99 -5.69
N LEU B 168 21.89 -3.13 -5.93
CA LEU B 168 23.32 -3.28 -5.79
C LEU B 168 24.05 -2.81 -7.07
N ARG B 169 25.37 -3.08 -7.23
CA ARG B 169 26.14 -2.65 -8.44
C ARG B 169 26.12 -3.72 -9.54
N GLY B 170 25.09 -3.72 -10.40
CA GLY B 170 24.93 -4.79 -11.43
C GLY B 170 25.10 -4.29 -12.87
N LEU B 171 25.96 -4.95 -13.64
CA LEU B 171 26.26 -4.55 -15.04
C LEU B 171 25.93 -5.69 -16.02
N PHE B 172 25.40 -5.35 -17.19
CA PHE B 172 24.88 -6.35 -18.15
C PHE B 172 25.40 -6.03 -19.54
N ILE B 173 25.93 -7.03 -20.26
CA ILE B 173 26.38 -6.83 -21.66
C ILE B 173 25.42 -7.56 -22.63
N ILE B 174 24.81 -6.78 -23.53
CA ILE B 174 23.74 -7.24 -24.42
C ILE B 174 24.17 -7.04 -25.90
N ASP B 175 24.01 -8.07 -26.73
CA ASP B 175 24.47 -8.01 -28.13
C ASP B 175 23.48 -7.31 -29.10
N GLU B 176 23.86 -7.17 -30.39
CA GLU B 176 23.03 -6.46 -31.39
C GLU B 176 21.66 -7.10 -31.64
N LYS B 177 21.55 -8.39 -31.34
CA LYS B 177 20.30 -9.13 -31.50
C LYS B 177 19.42 -9.08 -30.23
N GLY B 178 19.90 -8.37 -29.19
CA GLY B 178 19.18 -8.27 -27.92
C GLY B 178 19.40 -9.42 -26.94
N VAL B 179 20.42 -10.24 -27.18
CA VAL B 179 20.66 -11.45 -26.37
C VAL B 179 21.66 -11.14 -25.25
N LEU B 180 21.38 -11.61 -24.03
CA LEU B 180 22.28 -11.33 -22.88
C LEU B 180 23.56 -12.20 -22.90
N ARG B 181 24.73 -11.56 -22.79
CA ARG B 181 26.03 -12.27 -22.88
C ARG B 181 26.82 -12.34 -21.56
N GLN B 182 26.62 -11.38 -20.66
CA GLN B 182 27.49 -11.27 -19.45
C GLN B 182 26.78 -10.58 -18.30
N ILE B 183 27.01 -11.05 -17.07
CA ILE B 183 26.46 -10.41 -15.86
C ILE B 183 27.61 -10.22 -14.83
N THR B 184 27.76 -8.99 -14.33
CA THR B 184 28.74 -8.66 -13.25
C THR B 184 27.99 -7.97 -12.09
N MET B 185 28.10 -8.48 -10.86
CA MET B 185 27.39 -7.84 -9.72
C MET B 185 28.32 -7.73 -8.52
N ASN B 186 28.44 -6.51 -7.96
CA ASN B 186 29.31 -6.19 -6.81
C ASN B 186 28.48 -5.78 -5.58
N ASP B 187 28.94 -6.15 -4.37
CA ASP B 187 28.43 -5.58 -3.11
C ASP B 187 28.73 -4.07 -3.07
N LEU B 188 28.04 -3.36 -2.20
CA LEU B 188 28.00 -1.89 -2.21
C LEU B 188 29.34 -1.13 -2.13
N PRO B 189 30.31 -1.61 -1.32
CA PRO B 189 31.52 -0.76 -1.13
C PRO B 189 32.62 -0.78 -2.20
N VAL B 190 32.48 -1.60 -3.25
CA VAL B 190 33.55 -1.79 -4.25
C VAL B 190 33.07 -1.50 -5.68
N GLY B 191 33.71 -0.55 -6.36
CA GLY B 191 33.35 -0.15 -7.72
C GLY B 191 33.81 -1.08 -8.84
N ARG B 192 33.24 -0.92 -10.02
CA ARG B 192 33.53 -1.77 -11.18
C ARG B 192 34.72 -1.24 -12.00
N SER B 193 35.04 -1.90 -13.12
CA SER B 193 36.18 -1.51 -13.98
C SER B 193 35.79 -1.25 -15.44
N VAL B 194 36.06 -0.03 -15.94
CA VAL B 194 35.82 0.29 -17.36
C VAL B 194 36.73 -0.55 -18.28
N ASP B 195 37.98 -0.74 -17.86
CA ASP B 195 38.92 -1.57 -18.62
C ASP B 195 38.49 -3.04 -18.78
N GLU B 196 37.95 -3.65 -17.73
CA GLU B 196 37.47 -5.05 -17.86
C GLU B 196 36.23 -5.13 -18.76
N THR B 197 35.36 -4.13 -18.63
CA THR B 197 34.13 -4.04 -19.45
C THR B 197 34.46 -3.94 -20.96
N LEU B 198 35.44 -3.12 -21.32
CA LEU B 198 35.90 -3.02 -22.72
C LEU B 198 36.48 -4.34 -23.26
N ARG B 199 37.30 -5.01 -22.44
CA ARG B 199 37.91 -6.30 -22.81
C ARG B 199 36.83 -7.32 -23.15
N LEU B 200 35.77 -7.37 -22.33
CA LEU B 200 34.70 -8.33 -22.55
C LEU B 200 33.89 -8.00 -23.82
N VAL B 201 33.61 -6.72 -24.06
CA VAL B 201 32.93 -6.33 -25.30
C VAL B 201 33.75 -6.75 -26.54
N GLN B 202 35.05 -6.46 -26.54
CA GLN B 202 35.93 -6.84 -27.66
C GLN B 202 35.95 -8.35 -27.91
N ALA B 203 35.96 -9.15 -26.83
CA ALA B 203 35.98 -10.62 -26.94
C ALA B 203 34.69 -11.21 -27.52
N PHE B 204 33.55 -10.71 -27.06
CA PHE B 204 32.27 -11.18 -27.59
C PHE B 204 32.13 -10.84 -29.09
N GLN B 205 32.58 -9.65 -29.49
CA GLN B 205 32.53 -9.26 -30.93
C GLN B 205 33.43 -10.15 -31.80
N TYR B 206 34.58 -10.52 -31.27
CA TYR B 206 35.55 -11.35 -31.99
C TYR B 206 35.02 -12.75 -32.21
N THR B 207 34.55 -13.38 -31.13
CA THR B 207 33.96 -14.73 -31.22
C THR B 207 32.69 -14.77 -32.07
N ASP B 208 31.91 -13.68 -32.06
CA ASP B 208 30.73 -13.53 -32.94
C ASP B 208 31.15 -13.62 -34.42
N LYS B 209 32.26 -12.94 -34.74
CA LYS B 209 32.73 -12.81 -36.13
C LYS B 209 33.48 -14.03 -36.65
N HIS B 210 34.39 -14.57 -35.86
CA HIS B 210 35.26 -15.62 -36.28
C HIS B 210 34.93 -17.04 -35.87
N GLY B 211 34.16 -17.22 -34.84
CA GLY B 211 33.85 -18.58 -34.47
C GLY B 211 35.00 -19.34 -33.84
N GLU B 212 36.10 -18.70 -33.52
CA GLU B 212 37.06 -19.27 -32.61
C GLU B 212 36.69 -18.79 -31.22
N VAL B 213 37.26 -19.35 -30.16
CA VAL B 213 36.92 -18.94 -28.78
C VAL B 213 38.13 -18.33 -28.05
N CYS B 214 37.87 -17.49 -27.04
CA CYS B 214 38.89 -16.67 -26.36
C CYS B 214 39.35 -17.23 -24.98
N PRO B 215 40.65 -17.56 -24.84
CA PRO B 215 41.19 -18.06 -23.56
C PRO B 215 41.14 -17.04 -22.40
N ALA B 216 41.37 -17.54 -21.18
CA ALA B 216 41.52 -16.68 -20.00
C ALA B 216 42.43 -15.49 -20.31
N GLY B 217 42.00 -14.29 -19.93
CA GLY B 217 42.83 -13.09 -20.07
C GLY B 217 43.05 -12.52 -21.46
N TRP B 218 42.35 -13.06 -22.47
CA TRP B 218 42.47 -12.60 -23.88
C TRP B 218 42.37 -11.08 -24.04
N LYS B 219 43.22 -10.52 -24.91
CA LYS B 219 43.09 -9.13 -25.39
C LYS B 219 43.35 -9.13 -26.91
N PRO B 220 42.89 -8.08 -27.65
CA PRO B 220 43.15 -8.07 -29.11
C PRO B 220 44.61 -8.36 -29.41
N GLY B 221 44.87 -9.29 -30.32
CA GLY B 221 46.24 -9.72 -30.62
C GLY B 221 46.66 -11.04 -30.00
N SER B 222 45.94 -11.50 -28.97
CA SER B 222 46.30 -12.77 -28.28
C SER B 222 45.83 -13.99 -29.07
N ASP B 223 46.44 -15.16 -28.81
CA ASP B 223 46.08 -16.42 -29.47
C ASP B 223 44.63 -16.85 -29.15
N THR B 224 43.98 -17.51 -30.10
CA THR B 224 42.63 -18.08 -29.91
C THR B 224 42.60 -19.59 -30.21
N ILE B 225 41.45 -20.22 -29.95
CA ILE B 225 41.30 -21.68 -30.09
C ILE B 225 40.18 -22.07 -31.03
N ILE B 226 40.45 -23.03 -31.92
CA ILE B 226 39.42 -23.66 -32.77
C ILE B 226 38.65 -24.72 -31.94
N PRO B 227 37.32 -24.54 -31.75
CA PRO B 227 36.60 -25.43 -30.82
C PRO B 227 36.23 -26.80 -31.41
N ASP B 228 37.26 -27.62 -31.62
CA ASP B 228 37.14 -28.95 -32.22
C ASP B 228 38.21 -29.83 -31.57
N PRO B 229 37.92 -31.14 -31.30
CA PRO B 229 38.90 -31.99 -30.62
C PRO B 229 40.25 -32.14 -31.34
N SER B 230 40.26 -31.96 -32.67
CA SER B 230 41.51 -31.97 -33.46
C SER B 230 42.06 -30.56 -33.72
N GLY B 231 41.20 -29.64 -34.15
CA GLY B 231 41.58 -28.23 -34.37
C GLY B 231 42.21 -27.55 -33.16
N LYS B 232 41.75 -27.92 -31.96
CA LYS B 232 42.28 -27.35 -30.71
C LYS B 232 43.81 -27.49 -30.56
N LEU B 233 44.39 -28.53 -31.16
CA LEU B 233 45.83 -28.83 -30.94
C LEU B 233 46.75 -27.79 -31.58
N LYS B 234 46.23 -27.02 -32.54
CA LYS B 234 46.98 -25.93 -33.15
C LYS B 234 47.29 -24.83 -32.13
N TYR B 235 46.43 -24.70 -31.11
CA TYR B 235 46.68 -23.78 -30.01
C TYR B 235 47.52 -24.45 -28.93
N PHE B 236 47.11 -25.65 -28.50
CA PHE B 236 47.77 -26.31 -27.36
C PHE B 236 49.21 -26.77 -27.63
N ASP B 237 49.51 -27.07 -28.89
CA ASP B 237 50.89 -27.38 -29.26
C ASP B 237 51.75 -26.11 -29.20
N HIS C 44 -8.51 -2.41 5.49
CA HIS C 44 -9.39 -1.43 4.79
C HIS C 44 -9.46 -1.72 3.28
N LEU C 45 -10.69 -1.93 2.81
CA LEU C 45 -11.02 -2.18 1.40
C LEU C 45 -11.95 -1.08 0.86
N SER C 46 -11.78 -0.73 -0.41
CA SER C 46 -12.55 0.35 -1.03
C SER C 46 -12.42 0.24 -2.56
N LYS C 47 -13.36 0.86 -3.28
CA LYS C 47 -13.24 1.04 -4.73
C LYS C 47 -12.88 2.49 -5.10
N ALA C 48 -12.83 3.39 -4.12
CA ALA C 48 -12.54 4.79 -4.41
C ALA C 48 -11.04 5.03 -4.50
N LYS C 49 -10.58 5.47 -5.67
CA LYS C 49 -9.16 5.74 -5.93
C LYS C 49 -9.01 7.08 -6.65
N ILE C 50 -8.21 7.97 -6.07
CA ILE C 50 -7.94 9.28 -6.68
C ILE C 50 -7.24 9.13 -8.04
N SER C 51 -7.66 9.94 -9.00
CA SER C 51 -7.21 9.94 -10.41
C SER C 51 -7.82 8.82 -11.27
N LYS C 52 -8.77 8.08 -10.71
CA LYS C 52 -9.49 7.04 -11.47
C LYS C 52 -10.99 7.36 -11.41
N PRO C 53 -11.81 6.72 -12.29
CA PRO C 53 -13.24 7.03 -12.26
C PRO C 53 -13.88 6.69 -10.91
N ALA C 54 -14.71 7.59 -10.41
CA ALA C 54 -15.45 7.38 -9.15
C ALA C 54 -16.41 6.22 -9.34
N PRO C 55 -16.56 5.35 -8.30
CA PRO C 55 -17.47 4.21 -8.38
C PRO C 55 -18.90 4.65 -8.66
N GLN C 56 -19.59 3.97 -9.58
CA GLN C 56 -20.99 4.28 -9.88
C GLN C 56 -21.89 4.04 -8.68
N TRP C 57 -22.95 4.85 -8.56
CA TRP C 57 -24.00 4.66 -7.53
C TRP C 57 -25.40 5.02 -8.04
N GLU C 58 -26.41 4.35 -7.52
CA GLU C 58 -27.83 4.67 -7.76
C GLU C 58 -28.72 4.35 -6.59
N GLY C 59 -29.72 5.18 -6.39
CA GLY C 59 -30.66 4.98 -5.28
C GLY C 59 -31.81 5.98 -5.24
N THR C 60 -32.63 5.88 -4.21
CA THR C 60 -33.74 6.80 -4.00
C THR C 60 -33.28 8.00 -3.18
N ALA C 61 -33.59 9.20 -3.66
CA ALA C 61 -33.29 10.45 -2.93
C ALA C 61 -34.54 11.28 -2.68
N VAL C 62 -34.48 12.15 -1.66
CA VAL C 62 -35.54 13.14 -1.44
C VAL C 62 -35.09 14.44 -2.10
N ILE C 63 -35.87 14.88 -3.08
CA ILE C 63 -35.63 16.15 -3.81
C ILE C 63 -36.92 16.95 -3.83
N ASN C 64 -36.89 18.17 -3.28
CA ASN C 64 -38.08 19.01 -3.16
C ASN C 64 -39.30 18.28 -2.58
N GLY C 65 -39.08 17.52 -1.50
CA GLY C 65 -40.13 16.83 -0.79
C GLY C 65 -40.70 15.58 -1.46
N GLU C 66 -40.10 15.16 -2.57
CA GLU C 66 -40.58 13.99 -3.33
C GLU C 66 -39.47 12.93 -3.43
N PHE C 67 -39.87 11.66 -3.56
CA PHE C 67 -38.92 10.57 -3.77
C PHE C 67 -38.59 10.41 -5.26
N LYS C 68 -37.30 10.48 -5.60
CA LYS C 68 -36.83 10.35 -6.99
C LYS C 68 -35.60 9.43 -7.11
N GLU C 69 -35.51 8.69 -8.22
CA GLU C 69 -34.32 7.89 -8.51
C GLU C 69 -33.17 8.80 -8.96
N LEU C 70 -31.97 8.56 -8.45
CA LEU C 70 -30.81 9.41 -8.74
C LEU C 70 -29.56 8.56 -8.96
N LYS C 71 -28.71 8.98 -9.90
CA LYS C 71 -27.49 8.24 -10.26
C LYS C 71 -26.29 9.19 -10.40
N LEU C 72 -25.08 8.68 -10.13
CA LEU C 72 -23.86 9.48 -10.32
C LEU C 72 -23.73 9.97 -11.76
N SER C 73 -24.06 9.12 -12.73
CA SER C 73 -23.99 9.48 -14.15
C SER C 73 -24.87 10.70 -14.50
N ASP C 74 -25.91 10.95 -13.70
CA ASP C 74 -26.78 12.14 -13.88
C ASP C 74 -26.00 13.45 -13.84
N TYR C 75 -24.81 13.45 -13.22
CA TYR C 75 -24.02 14.67 -13.02
C TYR C 75 -22.85 14.87 -13.99
N ARG C 76 -22.68 13.94 -14.92
CA ARG C 76 -21.65 14.08 -15.96
C ARG C 76 -21.76 15.48 -16.60
N GLY C 77 -20.62 16.15 -16.76
CA GLY C 77 -20.60 17.51 -17.33
C GLY C 77 -20.50 18.63 -16.32
N LYS C 78 -20.64 18.29 -15.03
CA LYS C 78 -20.50 19.25 -13.92
C LYS C 78 -19.57 18.64 -12.86
N TYR C 79 -18.97 19.49 -12.03
CA TYR C 79 -18.28 19.02 -10.82
C TYR C 79 -19.34 18.57 -9.80
N LEU C 80 -18.98 17.63 -8.91
CA LEU C 80 -19.88 17.16 -7.86
C LEU C 80 -19.14 17.07 -6.52
N VAL C 81 -19.72 17.70 -5.50
CA VAL C 81 -19.32 17.45 -4.11
C VAL C 81 -20.31 16.38 -3.58
N PHE C 82 -19.78 15.18 -3.32
CA PHE C 82 -20.58 14.04 -2.82
C PHE C 82 -20.11 13.70 -1.41
N PHE C 83 -21.01 13.86 -0.42
CA PHE C 83 -20.63 13.62 0.98
C PHE C 83 -21.58 12.75 1.80
N PHE C 84 -20.98 11.95 2.68
CA PHE C 84 -21.70 11.06 3.58
C PHE C 84 -21.73 11.70 4.99
N TYR C 85 -22.79 11.44 5.76
CA TYR C 85 -22.87 11.82 7.19
C TYR C 85 -23.40 10.63 7.99
N PRO C 86 -23.00 10.48 9.27
CA PRO C 86 -23.45 9.31 10.07
C PRO C 86 -24.96 9.01 10.15
N LEU C 87 -25.75 9.89 10.79
CA LEU C 87 -27.13 9.53 11.13
C LEU C 87 -28.11 10.71 11.16
N ASP C 88 -29.30 10.51 10.60
CA ASP C 88 -30.40 11.47 10.75
C ASP C 88 -30.74 11.65 12.25
N PHE C 89 -31.19 12.85 12.62
CA PHE C 89 -31.63 13.15 14.01
C PHE C 89 -30.49 13.15 15.05
N THR C 90 -29.25 13.32 14.59
CA THR C 90 -28.11 13.48 15.50
C THR C 90 -27.57 14.92 15.55
N PHE C 91 -26.26 15.06 15.75
CA PHE C 91 -25.71 16.29 16.34
C PHE C 91 -24.90 17.18 15.38
N VAL C 92 -23.70 16.77 14.99
CA VAL C 92 -22.93 17.51 13.96
C VAL C 92 -23.59 17.46 12.57
N CYS C 93 -24.19 16.32 12.26
CA CYS C 93 -24.79 16.06 10.93
C CYS C 93 -25.72 17.17 10.34
N PRO C 94 -26.78 17.58 11.09
CA PRO C 94 -27.61 18.67 10.55
C PRO C 94 -26.86 20.00 10.28
N THR C 95 -25.84 20.33 11.09
CA THR C 95 -25.04 21.57 10.86
C THR C 95 -24.29 21.58 9.51
N GLU C 96 -23.80 20.40 9.10
CA GLU C 96 -23.10 20.26 7.81
C GLU C 96 -24.06 20.33 6.61
N ILE C 97 -25.20 19.66 6.72
CA ILE C 97 -26.19 19.62 5.64
C ILE C 97 -26.81 21.01 5.44
N ILE C 98 -27.10 21.69 6.55
CA ILE C 98 -27.57 23.08 6.52
C ILE C 98 -26.55 24.03 5.89
N ALA C 99 -25.29 23.94 6.33
CA ALA C 99 -24.23 24.81 5.82
C ALA C 99 -24.09 24.73 4.29
N PHE C 100 -24.14 23.51 3.74
CA PHE C 100 -24.06 23.32 2.28
C PHE C 100 -25.32 23.78 1.54
N SER C 101 -26.50 23.52 2.11
CA SER C 101 -27.75 23.90 1.47
C SER C 101 -27.88 25.42 1.36
N ASP C 102 -27.57 26.11 2.47
CA ASP C 102 -27.67 27.57 2.53
C ASP C 102 -26.66 28.26 1.60
N ARG C 103 -25.62 27.54 1.18
CA ARG C 103 -24.59 28.10 0.29
C ARG C 103 -24.48 27.42 -1.08
N VAL C 104 -25.49 26.61 -1.44
CA VAL C 104 -25.44 25.84 -2.70
C VAL C 104 -25.37 26.72 -3.96
N HIS C 105 -25.95 27.92 -3.90
CA HIS C 105 -25.88 28.91 -5.00
C HIS C 105 -24.44 29.29 -5.36
N GLU C 106 -23.53 29.28 -4.39
CA GLU C 106 -22.11 29.57 -4.63
C GLU C 106 -21.41 28.49 -5.47
N PHE C 107 -21.78 27.23 -5.26
CA PHE C 107 -21.27 26.11 -6.06
C PHE C 107 -21.94 26.08 -7.44
N ARG C 108 -23.25 26.28 -7.48
CA ARG C 108 -24.01 26.26 -8.74
C ARG C 108 -23.56 27.35 -9.75
N ALA C 109 -23.07 28.47 -9.23
CA ALA C 109 -22.52 29.55 -10.05
C ALA C 109 -21.20 29.18 -10.75
N ILE C 110 -20.54 28.13 -10.26
CA ILE C 110 -19.32 27.61 -10.90
C ILE C 110 -19.49 26.17 -11.41
N ASN C 111 -20.65 25.88 -11.97
CA ASN C 111 -20.94 24.59 -12.61
C ASN C 111 -20.70 23.38 -11.69
N THR C 112 -21.07 23.52 -10.40
CA THR C 112 -20.85 22.45 -9.39
C THR C 112 -22.15 22.16 -8.62
N GLU C 113 -22.44 20.87 -8.40
CA GLU C 113 -23.61 20.44 -7.64
C GLU C 113 -23.18 19.79 -6.31
N VAL C 114 -24.15 19.59 -5.41
CA VAL C 114 -23.89 19.00 -4.08
C VAL C 114 -24.97 17.94 -3.76
N VAL C 115 -24.52 16.77 -3.29
CA VAL C 115 -25.41 15.68 -2.86
C VAL C 115 -24.93 15.14 -1.49
N ALA C 116 -25.87 14.96 -0.56
CA ALA C 116 -25.61 14.33 0.76
C ALA C 116 -26.20 12.90 0.87
N CYS C 117 -25.60 12.03 1.70
CA CYS C 117 -26.00 10.61 1.81
C CYS C 117 -25.77 10.02 3.21
N SER C 118 -26.75 9.27 3.73
CA SER C 118 -26.52 8.39 4.89
C SER C 118 -27.26 7.05 4.73
N VAL C 119 -27.00 6.11 5.66
CA VAL C 119 -27.68 4.80 5.68
C VAL C 119 -29.20 4.83 6.00
N ASP C 120 -29.71 5.98 6.46
CA ASP C 120 -31.13 6.15 6.81
C ASP C 120 -32.07 6.01 5.59
N SER C 121 -33.31 5.57 5.82
CA SER C 121 -34.30 5.42 4.75
C SER C 121 -34.80 6.78 4.24
N GLN C 122 -35.43 6.77 3.06
CA GLN C 122 -36.03 7.98 2.49
C GLN C 122 -37.19 8.54 3.35
N PHE C 123 -37.88 7.66 4.07
CA PHE C 123 -39.00 8.09 4.92
C PHE C 123 -38.49 8.85 6.14
N THR C 124 -37.37 8.40 6.68
CA THR C 124 -36.69 9.10 7.76
C THR C 124 -36.11 10.44 7.27
N HIS C 125 -35.52 10.45 6.08
CA HIS C 125 -35.02 11.72 5.50
C HIS C 125 -36.12 12.80 5.44
N LEU C 126 -37.29 12.45 4.92
CA LEU C 126 -38.41 13.40 4.79
C LEU C 126 -38.94 13.85 6.15
N ALA C 127 -39.05 12.93 7.11
CA ALA C 127 -39.40 13.29 8.49
C ALA C 127 -38.44 14.32 9.10
N TRP C 128 -37.15 14.18 8.82
CA TRP C 128 -36.14 15.11 9.33
C TRP C 128 -36.20 16.48 8.63
N ILE C 129 -36.50 16.48 7.34
CA ILE C 129 -36.74 17.73 6.59
C ILE C 129 -37.96 18.49 7.16
N ILE C 130 -39.04 17.77 7.45
CA ILE C 130 -40.26 18.37 8.04
C ILE C 130 -40.03 18.95 9.46
N THR C 131 -39.12 18.36 10.22
CA THR C 131 -38.74 18.82 11.56
C THR C 131 -38.06 20.22 11.55
N PRO C 132 -38.51 21.14 12.41
CA PRO C 132 -37.95 22.51 12.41
C PRO C 132 -36.50 22.59 12.92
N ARG C 133 -35.73 23.55 12.41
CA ARG C 133 -34.33 23.73 12.80
C ARG C 133 -34.12 23.89 14.32
N LYS C 134 -35.04 24.59 15.00
CA LYS C 134 -34.94 24.76 16.47
C LYS C 134 -35.00 23.44 17.26
N GLN C 135 -35.62 22.43 16.67
CA GLN C 135 -35.69 21.08 17.24
C GLN C 135 -34.62 20.08 16.68
N GLY C 136 -33.56 20.60 16.09
CA GLY C 136 -32.51 19.74 15.49
C GLY C 136 -32.86 19.15 14.13
N GLY C 137 -33.84 19.74 13.46
CA GLY C 137 -34.26 19.31 12.11
C GLY C 137 -33.58 20.09 10.99
N LEU C 138 -34.00 19.87 9.75
CA LEU C 138 -33.34 20.49 8.59
C LEU C 138 -34.10 21.69 8.01
N GLY C 139 -35.43 21.63 8.07
CA GLY C 139 -36.27 22.58 7.34
C GLY C 139 -36.16 22.29 5.86
N PRO C 140 -36.88 23.07 5.02
CA PRO C 140 -36.82 22.86 3.55
C PRO C 140 -35.37 22.84 3.02
N MET C 141 -35.10 21.88 2.14
CA MET C 141 -33.75 21.69 1.63
C MET C 141 -33.63 22.00 0.15
N LYS C 142 -32.43 22.42 -0.24
CA LYS C 142 -32.11 22.74 -1.65
C LYS C 142 -31.18 21.71 -2.32
N ILE C 143 -30.71 20.73 -1.55
CA ILE C 143 -29.86 19.65 -2.09
C ILE C 143 -30.53 18.28 -1.88
N PRO C 144 -30.31 17.32 -2.81
CA PRO C 144 -30.84 15.95 -2.63
C PRO C 144 -30.26 15.27 -1.38
N LEU C 145 -31.10 14.50 -0.67
CA LEU C 145 -30.64 13.55 0.36
C LEU C 145 -30.84 12.12 -0.09
N LEU C 146 -29.74 11.42 -0.34
CA LEU C 146 -29.75 10.06 -0.90
C LEU C 146 -29.78 9.03 0.24
N SER C 147 -30.56 7.96 0.06
CA SER C 147 -30.66 6.85 1.05
C SER C 147 -29.79 5.66 0.64
N ASP C 148 -28.96 5.16 1.56
CA ASP C 148 -28.15 3.95 1.32
C ASP C 148 -28.52 2.79 2.30
N LEU C 149 -29.79 2.39 2.31
CA LEU C 149 -30.28 1.32 3.20
C LEU C 149 -29.49 -0.01 3.15
N THR C 150 -29.05 -0.41 1.96
CA THR C 150 -28.33 -1.69 1.81
C THR C 150 -26.86 -1.64 2.22
N HIS C 151 -26.33 -0.43 2.42
CA HIS C 151 -24.92 -0.18 2.74
C HIS C 151 -23.96 -0.34 1.54
N GLN C 152 -24.49 -0.66 0.36
CA GLN C 152 -23.60 -0.91 -0.79
C GLN C 152 -22.77 0.30 -1.20
N ILE C 153 -23.41 1.48 -1.22
CA ILE C 153 -22.72 2.72 -1.65
C ILE C 153 -21.60 3.11 -0.66
N SER C 154 -21.89 3.04 0.65
CA SER C 154 -20.91 3.33 1.70
C SER C 154 -19.68 2.40 1.63
N LYS C 155 -19.91 1.10 1.44
CA LYS C 155 -18.82 0.12 1.33
C LYS C 155 -17.95 0.37 0.08
N ASP C 156 -18.59 0.66 -1.04
CA ASP C 156 -17.89 1.00 -2.29
C ASP C 156 -16.98 2.22 -2.14
N TYR C 157 -17.40 3.20 -1.32
CA TYR C 157 -16.62 4.42 -1.08
C TYR C 157 -15.64 4.33 0.11
N GLY C 158 -15.61 3.21 0.83
CA GLY C 158 -14.67 3.00 1.93
C GLY C 158 -14.95 3.75 3.22
N VAL C 159 -16.21 4.13 3.43
CA VAL C 159 -16.60 4.98 4.57
C VAL C 159 -17.50 4.29 5.64
N TYR C 160 -17.83 3.02 5.41
CA TYR C 160 -18.73 2.26 6.30
C TYR C 160 -17.99 1.77 7.55
N LEU C 161 -18.61 1.94 8.73
CA LEU C 161 -18.05 1.40 10.00
C LEU C 161 -18.80 0.11 10.42
N GLU C 162 -18.15 -1.05 10.25
CA GLU C 162 -18.80 -2.35 10.44
C GLU C 162 -19.34 -2.58 11.86
N ASP C 163 -18.64 -2.06 12.85
CA ASP C 163 -19.05 -2.23 14.25
C ASP C 163 -20.24 -1.37 14.66
N GLN C 164 -20.45 -0.26 13.95
CA GLN C 164 -21.49 0.72 14.30
C GLN C 164 -22.73 0.67 13.41
N GLY C 165 -22.57 0.23 12.16
CA GLY C 165 -23.68 0.16 11.23
C GLY C 165 -24.05 1.47 10.54
N HIS C 166 -23.11 2.41 10.47
CA HIS C 166 -23.31 3.70 9.75
C HIS C 166 -21.96 4.21 9.22
N THR C 167 -21.95 5.31 8.47
CA THR C 167 -20.68 5.87 7.94
C THR C 167 -19.96 6.80 8.91
N LEU C 168 -18.68 7.10 8.67
CA LEU C 168 -17.99 8.25 9.23
C LEU C 168 -18.23 9.51 8.38
N ARG C 169 -17.58 10.62 8.60
CA ARG C 169 -17.77 11.86 7.81
C ARG C 169 -16.87 11.94 6.57
N GLY C 170 -17.32 11.38 5.44
CA GLY C 170 -16.47 11.30 4.23
C GLY C 170 -16.97 12.14 3.06
N LEU C 171 -16.08 12.98 2.50
CA LEU C 171 -16.42 13.88 1.40
C LEU C 171 -15.54 13.63 0.18
N PHE C 172 -16.13 13.72 -1.01
CA PHE C 172 -15.47 13.36 -2.28
C PHE C 172 -15.74 14.46 -3.32
N ILE C 173 -14.68 14.91 -4.02
CA ILE C 173 -14.83 15.91 -5.08
C ILE C 173 -14.57 15.19 -6.41
N ILE C 174 -15.55 15.25 -7.30
CA ILE C 174 -15.55 14.50 -8.57
C ILE C 174 -15.65 15.50 -9.73
N ASP C 175 -14.85 15.31 -10.80
CA ASP C 175 -14.85 16.30 -11.92
C ASP C 175 -15.93 16.03 -13.01
N GLU C 176 -16.00 16.89 -14.03
CA GLU C 176 -17.04 16.76 -15.10
C GLU C 176 -16.94 15.45 -15.89
N LYS C 177 -15.75 14.86 -15.90
CA LYS C 177 -15.50 13.61 -16.60
C LYS C 177 -15.73 12.37 -15.72
N GLY C 178 -16.11 12.60 -14.47
CA GLY C 178 -16.41 11.52 -13.52
C GLY C 178 -15.21 11.00 -12.75
N VAL C 179 -14.08 11.71 -12.84
CA VAL C 179 -12.85 11.24 -12.20
C VAL C 179 -12.75 11.80 -10.78
N LEU C 180 -12.33 10.96 -9.84
CA LEU C 180 -12.18 11.40 -8.43
C LEU C 180 -10.89 12.20 -8.20
N ARG C 181 -11.04 13.38 -7.60
CA ARG C 181 -9.93 14.32 -7.43
C ARG C 181 -9.48 14.52 -5.98
N GLN C 182 -10.36 14.27 -5.01
CA GLN C 182 -10.07 14.61 -3.60
C GLN C 182 -10.93 13.78 -2.66
N ILE C 183 -10.33 13.38 -1.53
CA ILE C 183 -11.03 12.64 -0.46
C ILE C 183 -10.71 13.31 0.89
N THR C 184 -11.75 13.65 1.67
CA THR C 184 -11.58 14.17 3.05
C THR C 184 -12.42 13.32 4.02
N MET C 185 -11.79 12.77 5.07
CA MET C 185 -12.50 11.92 6.04
C MET C 185 -12.22 12.36 7.50
N ASN C 186 -13.29 12.62 8.26
CA ASN C 186 -13.22 13.05 9.68
C ASN C 186 -13.82 12.00 10.63
N ASP C 187 -13.20 11.79 11.78
CA ASP C 187 -13.83 11.04 12.89
C ASP C 187 -15.13 11.75 13.34
N LEU C 188 -16.00 11.01 14.03
CA LEU C 188 -17.36 11.45 14.36
C LEU C 188 -17.57 12.86 15.04
N PRO C 189 -16.70 13.26 15.97
CA PRO C 189 -17.01 14.50 16.75
C PRO C 189 -16.66 15.87 16.14
N VAL C 190 -16.12 15.90 14.91
CA VAL C 190 -15.61 17.15 14.31
C VAL C 190 -16.14 17.36 12.89
N GLY C 191 -16.88 18.45 12.69
CA GLY C 191 -17.45 18.76 11.37
C GLY C 191 -16.47 19.30 10.34
N ARG C 192 -16.88 19.21 9.07
CA ARG C 192 -16.08 19.66 7.93
C ARG C 192 -16.24 21.19 7.69
N SER C 193 -15.68 21.70 6.60
CA SER C 193 -15.71 23.15 6.30
C SER C 193 -16.10 23.45 4.85
N VAL C 194 -17.17 24.22 4.69
CA VAL C 194 -17.66 24.67 3.38
C VAL C 194 -16.66 25.59 2.66
N ASP C 195 -16.01 26.48 3.42
CA ASP C 195 -14.94 27.36 2.90
C ASP C 195 -13.76 26.58 2.27
N GLU C 196 -13.29 25.53 2.93
CA GLU C 196 -12.21 24.70 2.37
C GLU C 196 -12.65 23.92 1.14
N THR C 197 -13.86 23.37 1.18
CA THR C 197 -14.45 22.66 0.05
C THR C 197 -14.54 23.55 -1.21
N LEU C 198 -15.01 24.78 -1.04
CA LEU C 198 -15.08 25.76 -2.14
C LEU C 198 -13.71 26.08 -2.74
N ARG C 199 -12.70 26.25 -1.88
CA ARG C 199 -11.31 26.55 -2.30
C ARG C 199 -10.77 25.44 -3.21
N LEU C 200 -10.99 24.19 -2.81
CA LEU C 200 -10.52 23.03 -3.57
C LEU C 200 -11.19 22.87 -4.94
N VAL C 201 -12.51 23.06 -5.00
CA VAL C 201 -13.23 23.08 -6.28
C VAL C 201 -12.66 24.18 -7.20
N GLN C 202 -12.43 25.38 -6.65
CA GLN C 202 -11.81 26.49 -7.41
C GLN C 202 -10.41 26.13 -7.92
N ALA C 203 -9.59 25.52 -7.05
CA ALA C 203 -8.22 25.13 -7.42
C ALA C 203 -8.17 24.06 -8.52
N PHE C 204 -9.03 23.04 -8.43
CA PHE C 204 -9.07 21.99 -9.44
C PHE C 204 -9.57 22.51 -10.79
N GLN C 205 -10.56 23.41 -10.78
CA GLN C 205 -11.03 24.05 -12.02
C GLN C 205 -9.95 24.92 -12.69
N TYR C 206 -9.19 25.66 -11.88
CA TYR C 206 -8.07 26.47 -12.38
C TYR C 206 -6.97 25.64 -13.07
N THR C 207 -6.48 24.62 -12.40
CA THR C 207 -5.48 23.78 -12.96
C THR C 207 -5.92 22.95 -14.18
N ASP C 208 -7.18 22.56 -14.25
CA ASP C 208 -7.79 21.94 -15.43
C ASP C 208 -7.67 22.88 -16.65
N LYS C 209 -7.88 24.17 -16.41
CA LYS C 209 -7.98 25.16 -17.49
C LYS C 209 -6.63 25.71 -17.97
N HIS C 210 -5.69 25.90 -17.05
CA HIS C 210 -4.46 26.66 -17.33
C HIS C 210 -3.18 25.83 -17.43
N GLY C 211 -3.14 24.68 -16.75
CA GLY C 211 -1.95 23.85 -16.77
C GLY C 211 -0.79 24.34 -15.92
N GLU C 212 -1.04 25.35 -15.09
CA GLU C 212 -0.12 25.72 -14.01
C GLU C 212 -0.59 24.94 -12.77
N VAL C 213 0.25 24.85 -11.74
CA VAL C 213 -0.16 24.14 -10.51
C VAL C 213 -0.28 25.06 -9.29
N CYS C 214 -1.16 24.69 -8.36
CA CYS C 214 -1.52 25.53 -7.21
C CYS C 214 -0.73 25.20 -5.93
N PRO C 215 0.04 26.17 -5.43
CA PRO C 215 0.81 26.06 -4.20
C PRO C 215 -0.05 25.88 -2.94
N ALA C 216 0.59 25.48 -1.85
CA ALA C 216 -0.07 25.41 -0.55
C ALA C 216 -0.84 26.70 -0.25
N GLY C 217 -2.12 26.56 0.08
CA GLY C 217 -2.96 27.71 0.50
C GLY C 217 -3.48 28.62 -0.60
N TRP C 218 -3.39 28.16 -1.85
CA TRP C 218 -3.87 28.92 -3.02
C TRP C 218 -5.35 29.32 -2.89
N LYS C 219 -5.66 30.57 -3.26
CA LYS C 219 -7.04 31.08 -3.39
C LYS C 219 -7.08 31.87 -4.71
N PRO C 220 -8.29 32.14 -5.26
CA PRO C 220 -8.30 32.91 -6.52
C PRO C 220 -7.52 34.22 -6.40
N GLY C 221 -6.62 34.47 -7.36
CA GLY C 221 -5.76 35.65 -7.31
C GLY C 221 -4.31 35.39 -6.92
N SER C 222 -4.04 34.24 -6.30
CA SER C 222 -2.67 33.90 -5.84
C SER C 222 -1.73 33.45 -6.97
N ASP C 223 -0.42 33.46 -6.69
CA ASP C 223 0.61 33.02 -7.64
C ASP C 223 0.58 31.50 -7.87
N THR C 224 0.84 31.09 -9.12
CA THR C 224 0.90 29.67 -9.51
C THR C 224 2.29 29.30 -10.05
N ILE C 225 2.48 28.02 -10.38
CA ILE C 225 3.79 27.51 -10.85
C ILE C 225 3.69 26.77 -12.19
N ILE C 226 4.64 27.04 -13.09
CA ILE C 226 4.79 26.29 -14.33
C ILE C 226 5.57 24.99 -14.04
N PRO C 227 4.96 23.82 -14.33
CA PRO C 227 5.54 22.56 -13.86
C PRO C 227 6.67 21.96 -14.73
N ASP C 228 7.76 22.71 -14.88
CA ASP C 228 8.98 22.17 -15.49
C ASP C 228 10.24 22.76 -14.85
N PRO C 229 11.40 22.09 -15.00
CA PRO C 229 12.61 22.45 -14.24
C PRO C 229 13.17 23.86 -14.46
N SER C 230 12.96 24.45 -15.64
CA SER C 230 13.41 25.83 -15.85
C SER C 230 12.27 26.84 -15.70
N GLY C 231 11.10 26.50 -16.24
CA GLY C 231 9.90 27.33 -16.08
C GLY C 231 9.48 27.63 -14.65
N LYS C 232 9.77 26.69 -13.73
CA LYS C 232 9.44 26.85 -12.31
C LYS C 232 10.11 28.06 -11.65
N LEU C 233 11.21 28.53 -12.25
CA LEU C 233 11.99 29.63 -11.67
C LEU C 233 11.28 30.99 -11.73
N LYS C 234 10.36 31.16 -12.69
CA LYS C 234 9.50 32.35 -12.73
C LYS C 234 8.80 32.55 -11.38
N TYR C 235 8.34 31.46 -10.78
CA TYR C 235 7.72 31.50 -9.46
C TYR C 235 8.75 31.63 -8.31
N PHE C 236 9.75 30.75 -8.27
CA PHE C 236 10.65 30.67 -7.11
C PHE C 236 11.65 31.83 -6.96
N ASP C 237 12.04 32.44 -8.08
CA ASP C 237 13.03 33.53 -8.02
C ASP C 237 12.34 34.88 -7.84
N HIS D 44 -8.46 -0.94 -3.85
CA HIS D 44 -7.70 -0.09 -2.88
C HIS D 44 -7.58 -0.78 -1.52
N LEU D 45 -6.35 -1.13 -1.14
CA LEU D 45 -6.03 -1.71 0.17
C LEU D 45 -5.13 -0.78 0.98
N SER D 46 -5.21 -0.88 2.31
CA SER D 46 -4.55 0.03 3.22
C SER D 46 -4.67 -0.51 4.64
N LYS D 47 -3.77 -0.12 5.54
CA LYS D 47 -3.93 -0.40 6.96
C LYS D 47 -4.47 0.82 7.74
N ALA D 48 -4.63 1.97 7.08
CA ALA D 48 -5.07 3.18 7.76
C ALA D 48 -6.60 3.23 7.91
N LYS D 49 -7.07 3.20 9.17
CA LYS D 49 -8.50 3.23 9.49
C LYS D 49 -8.76 4.25 10.61
N ILE D 50 -9.66 5.21 10.34
CA ILE D 50 -9.98 6.24 11.34
C ILE D 50 -10.66 5.61 12.57
N SER D 51 -10.21 6.06 13.75
CA SER D 51 -10.65 5.57 15.08
C SER D 51 -9.98 4.26 15.52
N LYS D 52 -9.04 3.79 14.69
CA LYS D 52 -8.15 2.69 15.04
C LYS D 52 -6.70 3.19 15.21
N PRO D 53 -5.84 2.39 15.86
CA PRO D 53 -4.43 2.82 15.99
C PRO D 53 -3.76 3.01 14.62
N ALA D 54 -3.08 4.14 14.42
CA ALA D 54 -2.35 4.41 13.18
C ALA D 54 -1.26 3.34 12.98
N PRO D 55 -1.04 2.90 11.73
CA PRO D 55 0.01 1.90 11.46
C PRO D 55 1.38 2.39 11.90
N GLN D 56 2.12 1.55 12.62
CA GLN D 56 3.50 1.88 13.02
C GLN D 56 4.42 2.05 11.81
N TRP D 57 5.40 2.94 11.96
CA TRP D 57 6.46 3.14 10.95
C TRP D 57 7.80 3.40 11.62
N GLU D 58 8.88 3.02 10.93
CA GLU D 58 10.27 3.28 11.32
C GLU D 58 11.07 3.59 10.05
N GLY D 59 11.99 4.54 10.13
CA GLY D 59 12.82 4.92 8.98
C GLY D 59 13.92 5.91 9.33
N THR D 60 14.77 6.22 8.35
CA THR D 60 15.81 7.24 8.49
C THR D 60 15.27 8.60 8.03
N ALA D 61 15.46 9.60 8.88
CA ALA D 61 15.04 10.98 8.58
C ALA D 61 16.21 11.95 8.69
N VAL D 62 16.12 13.07 7.96
CA VAL D 62 17.05 14.18 8.13
C VAL D 62 16.48 15.15 9.17
N ILE D 63 17.22 15.35 10.24
CA ILE D 63 16.83 16.24 11.35
C ILE D 63 18.03 17.14 11.65
N ASN D 64 17.86 18.44 11.49
CA ASN D 64 18.95 19.43 11.64
C ASN D 64 20.22 19.04 10.84
N GLY D 65 20.02 18.60 9.60
CA GLY D 65 21.13 18.25 8.71
C GLY D 65 21.79 16.89 8.88
N GLU D 66 21.40 16.14 9.92
CA GLU D 66 22.00 14.84 10.22
C GLU D 66 21.01 13.68 9.99
N PHE D 67 21.52 12.49 9.70
CA PHE D 67 20.67 11.29 9.56
C PHE D 67 20.34 10.66 10.91
N LYS D 68 19.05 10.52 11.22
CA LYS D 68 18.60 9.92 12.49
C LYS D 68 17.46 8.91 12.28
N GLU D 69 17.47 7.85 13.08
CA GLU D 69 16.38 6.87 13.07
C GLU D 69 15.15 7.46 13.78
N LEU D 70 13.99 7.32 13.17
CA LEU D 70 12.76 7.89 13.70
C LEU D 70 11.61 6.89 13.62
N LYS D 71 10.78 6.84 14.67
CA LYS D 71 9.64 5.91 14.74
C LYS D 71 8.34 6.64 15.14
N LEU D 72 7.19 6.12 14.73
CA LEU D 72 5.90 6.74 15.10
C LEU D 72 5.69 6.76 16.61
N SER D 73 6.21 5.74 17.30
CA SER D 73 6.06 5.63 18.76
C SER D 73 6.81 6.71 19.56
N ASP D 74 7.78 7.36 18.92
CA ASP D 74 8.51 8.49 19.52
C ASP D 74 7.60 9.67 19.85
N TYR D 75 6.45 9.76 19.16
CA TYR D 75 5.54 10.91 19.28
C TYR D 75 4.37 10.66 20.23
N ARG D 76 4.36 9.50 20.89
CA ARG D 76 3.34 9.17 21.89
C ARG D 76 3.33 10.25 22.98
N GLY D 77 2.13 10.72 23.33
CA GLY D 77 1.97 11.83 24.27
C GLY D 77 1.75 13.19 23.60
N LYS D 78 1.83 13.21 22.27
CA LYS D 78 1.63 14.43 21.48
C LYS D 78 0.72 14.16 20.29
N TYR D 79 0.04 15.19 19.79
CA TYR D 79 -0.61 15.11 18.47
C TYR D 79 0.47 15.12 17.39
N LEU D 80 0.21 14.44 16.26
CA LEU D 80 1.13 14.46 15.12
C LEU D 80 0.39 14.71 13.79
N VAL D 81 0.90 15.67 13.02
CA VAL D 81 0.48 15.85 11.63
C VAL D 81 1.55 15.18 10.77
N PHE D 82 1.18 14.07 10.15
CA PHE D 82 2.09 13.22 9.37
C PHE D 82 1.63 13.30 7.92
N PHE D 83 2.47 13.86 7.03
CA PHE D 83 2.04 14.05 5.64
C PHE D 83 3.06 13.56 4.60
N PHE D 84 2.52 13.00 3.51
CA PHE D 84 3.33 12.54 2.37
C PHE D 84 3.27 13.57 1.25
N TYR D 85 4.38 13.72 0.52
CA TYR D 85 4.42 14.52 -0.70
C TYR D 85 5.11 13.69 -1.81
N PRO D 86 4.76 13.93 -3.06
CA PRO D 86 5.27 13.17 -4.19
C PRO D 86 6.79 13.08 -4.39
N LEU D 87 7.48 14.16 -4.71
CA LEU D 87 8.89 14.08 -5.14
C LEU D 87 9.77 15.29 -4.79
N ASP D 88 10.99 15.03 -4.30
CA ASP D 88 12.01 16.07 -4.14
C ASP D 88 12.34 16.71 -5.48
N PHE D 89 12.73 17.99 -5.45
CA PHE D 89 13.05 18.78 -6.66
C PHE D 89 11.85 18.98 -7.62
N THR D 90 10.64 18.94 -7.10
CA THR D 90 9.47 19.31 -7.88
C THR D 90 8.78 20.60 -7.40
N PHE D 91 7.44 20.73 -7.77
CA PHE D 91 6.82 22.06 -7.76
C PHE D 91 5.87 22.48 -6.63
N VAL D 92 4.78 21.74 -6.41
CA VAL D 92 3.90 22.03 -5.29
C VAL D 92 4.56 21.61 -3.98
N CYS D 93 5.24 20.45 -4.03
CA CYS D 93 5.84 19.83 -2.83
C CYS D 93 6.69 20.78 -1.96
N PRO D 94 7.60 21.57 -2.56
CA PRO D 94 8.38 22.47 -1.71
C PRO D 94 7.54 23.54 -0.99
N THR D 95 6.52 24.08 -1.65
CA THR D 95 5.66 25.11 -1.04
C THR D 95 4.96 24.59 0.22
N GLU D 96 4.51 23.34 0.17
CA GLU D 96 3.83 22.70 1.30
C GLU D 96 4.77 22.48 2.50
N ILE D 97 5.99 22.00 2.25
CA ILE D 97 6.98 21.73 3.31
C ILE D 97 7.46 23.03 3.98
N ILE D 98 7.71 24.06 3.17
CA ILE D 98 8.10 25.39 3.65
C ILE D 98 7.03 26.01 4.56
N ALA D 99 5.76 25.96 4.10
CA ALA D 99 4.62 26.50 4.83
C ALA D 99 4.48 25.88 6.23
N PHE D 100 4.63 24.57 6.31
CA PHE D 100 4.59 23.89 7.60
C PHE D 100 5.83 24.18 8.45
N SER D 101 6.99 24.29 7.80
CA SER D 101 8.24 24.60 8.52
C SER D 101 8.23 25.99 9.14
N ASP D 102 7.79 26.97 8.35
CA ASP D 102 7.72 28.38 8.79
C ASP D 102 6.65 28.61 9.86
N ARG D 103 5.69 27.69 9.99
CA ARG D 103 4.59 27.85 10.95
C ARG D 103 4.54 26.79 12.05
N VAL D 104 5.57 25.95 12.12
CA VAL D 104 5.61 24.84 13.09
C VAL D 104 5.56 25.30 14.57
N HIS D 105 5.94 26.56 14.83
CA HIS D 105 5.86 27.10 16.19
C HIS D 105 4.40 27.18 16.69
N GLU D 106 3.47 27.48 15.78
CA GLU D 106 2.03 27.49 16.09
C GLU D 106 1.53 26.12 16.57
N PHE D 107 2.03 25.04 15.94
CA PHE D 107 1.68 23.67 16.33
C PHE D 107 2.36 23.23 17.63
N ARG D 108 3.64 23.54 17.77
CA ARG D 108 4.40 23.19 18.98
C ARG D 108 3.87 23.87 20.25
N ALA D 109 3.26 25.06 20.08
CA ALA D 109 2.61 25.76 21.19
C ALA D 109 1.39 24.99 21.73
N ILE D 110 0.83 24.10 20.90
CA ILE D 110 -0.32 23.28 21.30
C ILE D 110 -0.03 21.77 21.33
N ASN D 111 1.17 21.41 21.78
CA ASN D 111 1.57 20.01 22.03
C ASN D 111 1.46 19.12 20.76
N THR D 112 1.75 19.71 19.61
CA THR D 112 1.64 19.02 18.31
C THR D 112 2.92 19.15 17.49
N GLU D 113 3.36 18.04 16.90
CA GLU D 113 4.52 18.03 16.00
C GLU D 113 4.12 17.79 14.53
N VAL D 114 5.07 18.02 13.61
CA VAL D 114 4.86 17.85 12.16
C VAL D 114 6.03 17.05 11.55
N VAL D 115 5.70 16.05 10.71
CA VAL D 115 6.69 15.22 10.00
C VAL D 115 6.30 15.04 8.54
N ALA D 116 7.25 15.26 7.62
CA ALA D 116 7.04 15.06 6.17
C ALA D 116 7.76 13.82 5.65
N CYS D 117 7.22 13.23 4.58
CA CYS D 117 7.75 11.97 4.04
C CYS D 117 7.58 11.86 2.52
N SER D 118 8.62 11.39 1.82
CA SER D 118 8.49 10.97 0.42
C SER D 118 9.29 9.68 0.15
N VAL D 119 9.13 9.11 -1.04
CA VAL D 119 9.89 7.93 -1.45
C VAL D 119 11.40 8.18 -1.72
N ASP D 120 11.83 9.44 -1.71
CA ASP D 120 13.24 9.79 -1.98
C ASP D 120 14.18 9.31 -0.86
N SER D 121 15.46 9.13 -1.18
CA SER D 121 16.48 8.73 -0.20
C SER D 121 16.82 9.91 0.71
N GLN D 122 17.45 9.60 1.85
CA GLN D 122 17.91 10.62 2.79
C GLN D 122 19.03 11.51 2.23
N PHE D 123 19.81 10.97 1.29
CA PHE D 123 20.88 11.71 0.62
C PHE D 123 20.31 12.78 -0.33
N THR D 124 19.22 12.43 -1.03
CA THR D 124 18.49 13.40 -1.88
C THR D 124 17.76 14.46 -1.02
N HIS D 125 17.16 14.04 0.09
CA HIS D 125 16.58 14.98 1.08
C HIS D 125 17.58 16.07 1.51
N LEU D 126 18.78 15.64 1.92
CA LEU D 126 19.86 16.57 2.31
C LEU D 126 20.30 17.50 1.17
N ALA D 127 20.50 16.96 -0.03
CA ALA D 127 20.80 17.78 -1.22
C ALA D 127 19.77 18.90 -1.46
N TRP D 128 18.50 18.58 -1.25
CA TRP D 128 17.38 19.51 -1.47
C TRP D 128 17.33 20.60 -0.38
N ILE D 129 17.64 20.22 0.85
CA ILE D 129 17.70 21.14 1.99
C ILE D 129 18.84 22.17 1.80
N ILE D 130 19.94 21.71 1.22
CA ILE D 130 21.11 22.55 0.90
C ILE D 130 20.85 23.54 -0.25
N THR D 131 19.98 23.16 -1.19
CA THR D 131 19.61 24.02 -2.33
C THR D 131 18.80 25.25 -1.86
N PRO D 132 19.18 26.48 -2.30
CA PRO D 132 18.45 27.71 -1.94
C PRO D 132 17.01 27.74 -2.42
N ARG D 133 16.13 28.42 -1.67
CA ARG D 133 14.71 28.55 -2.02
C ARG D 133 14.47 29.17 -3.40
N LYS D 134 15.39 30.05 -3.83
CA LYS D 134 15.26 30.72 -5.13
C LYS D 134 15.46 29.81 -6.35
N GLN D 135 16.11 28.67 -6.12
CA GLN D 135 16.27 27.66 -7.16
C GLN D 135 15.28 26.48 -7.00
N GLY D 136 14.29 26.65 -6.13
CA GLY D 136 13.31 25.58 -5.87
C GLY D 136 13.72 24.61 -4.78
N GLY D 137 14.69 25.01 -3.97
CA GLY D 137 15.13 24.23 -2.82
C GLY D 137 14.33 24.55 -1.57
N LEU D 138 14.73 23.97 -0.44
CA LEU D 138 14.01 24.17 0.81
C LEU D 138 14.68 25.17 1.75
N GLY D 139 16.00 25.20 1.76
CA GLY D 139 16.78 25.92 2.78
C GLY D 139 16.73 25.14 4.08
N PRO D 140 17.29 25.69 5.17
CA PRO D 140 17.24 25.04 6.49
C PRO D 140 15.80 24.72 6.93
N MET D 141 15.59 23.51 7.45
CA MET D 141 14.25 23.05 7.84
C MET D 141 14.10 22.82 9.33
N LYS D 142 12.90 23.08 9.84
CA LYS D 142 12.58 22.91 11.27
C LYS D 142 11.75 21.65 11.52
N ILE D 143 11.44 20.92 10.46
CA ILE D 143 10.69 19.66 10.56
C ILE D 143 11.47 18.50 9.93
N PRO D 144 11.34 17.26 10.48
CA PRO D 144 12.07 16.13 9.91
C PRO D 144 11.54 15.72 8.53
N LEU D 145 12.46 15.28 7.66
CA LEU D 145 12.10 14.70 6.36
C LEU D 145 12.41 13.20 6.36
N LEU D 146 11.36 12.38 6.36
CA LEU D 146 11.50 10.93 6.44
C LEU D 146 11.64 10.33 5.05
N SER D 147 12.50 9.31 4.94
CA SER D 147 12.68 8.56 3.67
C SER D 147 11.94 7.22 3.66
N ASP D 148 11.19 6.94 2.57
CA ASP D 148 10.49 5.66 2.41
C ASP D 148 10.92 4.93 1.12
N LEU D 149 12.22 4.65 0.98
CA LEU D 149 12.75 3.99 -0.24
C LEU D 149 12.09 2.66 -0.58
N THR D 150 11.78 1.85 0.44
CA THR D 150 11.16 0.53 0.20
C THR D 150 9.67 0.57 -0.20
N HIS D 151 9.05 1.75 -0.08
CA HIS D 151 7.60 1.97 -0.30
C HIS D 151 6.68 1.34 0.75
N GLN D 152 7.24 0.72 1.79
CA GLN D 152 6.39 0.01 2.75
C GLN D 152 5.46 0.95 3.54
N ILE D 153 6.01 2.06 4.04
CA ILE D 153 5.23 3.05 4.79
C ILE D 153 4.09 3.63 3.93
N SER D 154 4.40 3.99 2.68
CA SER D 154 3.39 4.52 1.74
C SER D 154 2.21 3.58 1.48
N LYS D 155 2.50 2.31 1.22
CA LYS D 155 1.46 1.29 1.03
C LYS D 155 0.62 1.05 2.29
N ASP D 156 1.27 1.05 3.45
CA ASP D 156 0.56 0.89 4.73
C ASP D 156 -0.48 2.00 4.96
N TYR D 157 -0.14 3.21 4.51
CA TYR D 157 -1.02 4.39 4.64
C TYR D 157 -2.00 4.60 3.47
N GLY D 158 -1.94 3.70 2.48
CA GLY D 158 -2.85 3.76 1.32
C GLY D 158 -2.65 4.93 0.36
N VAL D 159 -1.43 5.45 0.29
CA VAL D 159 -1.15 6.65 -0.52
C VAL D 159 -0.22 6.42 -1.72
N TYR D 160 0.23 5.18 -1.92
CA TYR D 160 1.20 4.86 -2.99
C TYR D 160 0.51 4.74 -4.37
N LEU D 161 1.07 5.39 -5.40
CA LEU D 161 0.54 5.25 -6.77
C LEU D 161 1.36 4.24 -7.58
N GLU D 162 0.80 3.05 -7.83
CA GLU D 162 1.53 1.94 -8.45
C GLU D 162 2.13 2.23 -9.83
N ASP D 163 1.35 2.89 -10.68
CA ASP D 163 1.80 3.26 -12.04
C ASP D 163 2.90 4.33 -12.08
N GLN D 164 3.00 5.14 -11.03
CA GLN D 164 3.90 6.30 -11.02
C GLN D 164 5.19 6.05 -10.23
N GLY D 165 5.10 5.21 -9.20
CA GLY D 165 6.24 4.92 -8.31
C GLY D 165 6.51 5.94 -7.22
N HIS D 166 5.49 6.72 -6.85
CA HIS D 166 5.56 7.70 -5.74
C HIS D 166 4.17 7.91 -5.13
N THR D 167 4.07 8.73 -4.07
CA THR D 167 2.78 8.96 -3.40
C THR D 167 1.97 10.11 -4.02
N LEU D 168 0.68 10.17 -3.70
CA LEU D 168 -0.13 11.40 -3.93
C LEU D 168 0.07 12.35 -2.72
N ARG D 169 -0.78 13.38 -2.56
CA ARG D 169 -0.66 14.31 -1.41
C ARG D 169 -1.59 13.90 -0.27
N GLY D 170 -1.11 13.06 0.65
CA GLY D 170 -1.92 12.55 1.77
C GLY D 170 -1.46 12.98 3.16
N LEU D 171 -2.39 13.55 3.93
CA LEU D 171 -2.09 14.06 5.27
C LEU D 171 -2.96 13.32 6.31
N PHE D 172 -2.37 13.07 7.48
CA PHE D 172 -2.99 12.25 8.53
C PHE D 172 -2.82 12.97 9.88
N ILE D 173 -3.88 13.02 10.69
CA ILE D 173 -3.80 13.60 12.05
C ILE D 173 -3.97 12.50 13.09
N ILE D 174 -2.97 12.35 13.95
CA ILE D 174 -2.90 11.25 14.92
C ILE D 174 -2.86 11.84 16.34
N ASP D 175 -3.61 11.28 17.29
CA ASP D 175 -3.66 11.84 18.66
C ASP D 175 -2.56 11.33 19.60
N GLU D 176 -2.57 11.79 20.86
CA GLU D 176 -1.53 11.44 21.86
C GLU D 176 -1.45 9.97 22.19
N LYS D 177 -2.56 9.26 22.01
CA LYS D 177 -2.66 7.84 22.27
C LYS D 177 -2.32 6.99 21.04
N GLY D 178 -2.05 7.66 19.91
CA GLY D 178 -1.69 6.95 18.67
C GLY D 178 -2.84 6.57 17.76
N VAL D 179 -4.03 7.10 18.05
CA VAL D 179 -5.24 6.80 17.29
C VAL D 179 -5.41 7.77 16.11
N LEU D 180 -5.74 7.24 14.93
CA LEU D 180 -5.92 8.09 13.74
C LEU D 180 -7.28 8.79 13.72
N ARG D 181 -7.26 10.12 13.57
CA ARG D 181 -8.47 10.95 13.67
C ARG D 181 -8.98 11.57 12.35
N GLN D 182 -8.11 11.73 11.35
CA GLN D 182 -8.48 12.48 10.14
C GLN D 182 -7.58 12.10 8.95
N ILE D 183 -8.17 12.02 7.75
CA ILE D 183 -7.42 11.74 6.52
C ILE D 183 -7.80 12.77 5.46
N THR D 184 -6.79 13.41 4.84
CA THR D 184 -6.98 14.32 3.71
C THR D 184 -6.07 13.89 2.54
N MET D 185 -6.65 13.64 1.36
CA MET D 185 -5.87 13.21 0.18
C MET D 185 -6.22 14.05 -1.08
N ASN D 186 -5.20 14.65 -1.72
CA ASN D 186 -5.37 15.48 -2.93
C ASN D 186 -4.65 14.87 -4.15
N ASP D 187 -5.26 14.99 -5.33
CA ASP D 187 -4.57 14.72 -6.60
C ASP D 187 -3.36 15.67 -6.78
N LEU D 188 -2.45 15.31 -7.67
CA LEU D 188 -1.13 15.94 -7.77
C LEU D 188 -1.04 17.49 -7.93
N PRO D 189 -1.92 18.09 -8.74
CA PRO D 189 -1.71 19.52 -9.03
C PRO D 189 -2.23 20.56 -8.02
N VAL D 190 -2.79 20.13 -6.89
CA VAL D 190 -3.44 21.05 -5.94
C VAL D 190 -2.90 20.88 -4.51
N GLY D 191 -2.29 21.94 -3.98
CA GLY D 191 -1.72 21.91 -2.64
C GLY D 191 -2.72 21.95 -1.49
N ARG D 192 -2.24 21.57 -0.29
CA ARG D 192 -3.06 21.52 0.92
C ARG D 192 -3.00 22.86 1.68
N SER D 193 -3.68 22.94 2.84
CA SER D 193 -3.85 24.20 3.59
C SER D 193 -3.45 24.08 5.06
N VAL D 194 -2.48 24.89 5.48
CA VAL D 194 -2.01 24.92 6.86
C VAL D 194 -3.11 25.46 7.79
N ASP D 195 -3.87 26.44 7.29
CA ASP D 195 -4.99 27.04 8.02
C ASP D 195 -6.03 25.97 8.38
N GLU D 196 -6.45 25.18 7.40
CA GLU D 196 -7.41 24.10 7.65
C GLU D 196 -6.86 23.02 8.59
N THR D 197 -5.57 22.68 8.43
CA THR D 197 -4.94 21.68 9.28
C THR D 197 -4.92 22.13 10.76
N LEU D 198 -4.58 23.39 10.99
CA LEU D 198 -4.57 23.96 12.34
C LEU D 198 -5.96 23.92 12.99
N ARG D 199 -6.96 24.36 12.24
CA ARG D 199 -8.35 24.33 12.72
C ARG D 199 -8.77 22.93 13.18
N LEU D 200 -8.39 21.90 12.40
CA LEU D 200 -8.77 20.52 12.70
C LEU D 200 -8.12 20.01 13.99
N VAL D 201 -6.83 20.31 14.19
CA VAL D 201 -6.11 19.93 15.42
C VAL D 201 -6.73 20.60 16.65
N GLN D 202 -7.05 21.89 16.54
CA GLN D 202 -7.76 22.63 17.59
C GLN D 202 -9.12 22.00 17.93
N ALA D 203 -9.89 21.63 16.90
CA ALA D 203 -11.21 21.01 17.10
C ALA D 203 -11.16 19.64 17.79
N PHE D 204 -10.21 18.80 17.39
CA PHE D 204 -10.03 17.48 18.03
C PHE D 204 -9.56 17.61 19.48
N GLN D 205 -8.63 18.54 19.74
CA GLN D 205 -8.16 18.77 21.11
C GLN D 205 -9.31 19.25 22.02
N TYR D 206 -10.16 20.13 21.49
CA TYR D 206 -11.35 20.63 22.20
C TYR D 206 -12.37 19.54 22.57
N THR D 207 -12.73 18.68 21.60
CA THR D 207 -13.68 17.59 21.86
C THR D 207 -13.12 16.49 22.78
N ASP D 208 -11.81 16.28 22.75
CA ASP D 208 -11.13 15.34 23.65
C ASP D 208 -11.31 15.81 25.11
N LYS D 209 -11.17 17.12 25.31
CA LYS D 209 -11.12 17.70 26.65
C LYS D 209 -12.49 17.93 27.26
N HIS D 210 -13.41 18.45 26.46
CA HIS D 210 -14.69 18.93 26.97
C HIS D 210 -15.87 17.99 26.74
N GLY D 211 -15.76 17.07 25.79
CA GLY D 211 -16.84 16.12 25.53
C GLY D 211 -18.09 16.64 24.82
N GLU D 212 -18.09 17.88 24.38
CA GLU D 212 -19.11 18.38 23.45
C GLU D 212 -18.53 18.26 22.04
N VAL D 213 -19.36 18.39 21.00
CA VAL D 213 -18.91 18.18 19.60
C VAL D 213 -18.98 19.45 18.72
N CYS D 214 -18.12 19.51 17.69
CA CYS D 214 -17.88 20.74 16.92
C CYS D 214 -18.66 20.79 15.60
N PRO D 215 -19.58 21.77 15.44
CA PRO D 215 -20.36 21.95 14.21
C PRO D 215 -19.51 22.26 12.98
N ALA D 216 -20.14 22.20 11.80
CA ALA D 216 -19.50 22.61 10.55
C ALA D 216 -18.82 23.96 10.74
N GLY D 217 -17.54 24.04 10.36
CA GLY D 217 -16.83 25.34 10.33
C GLY D 217 -16.37 25.92 11.65
N TRP D 218 -16.47 25.14 12.73
CA TRP D 218 -16.02 25.54 14.06
C TRP D 218 -14.60 26.12 14.07
N LYS D 219 -14.43 27.25 14.75
CA LYS D 219 -13.12 27.79 15.09
C LYS D 219 -13.11 28.11 16.59
N PRO D 220 -11.91 28.33 17.20
CA PRO D 220 -11.93 28.64 18.63
C PRO D 220 -12.85 29.82 18.94
N GLY D 221 -13.71 29.66 19.94
CA GLY D 221 -14.69 30.68 20.30
C GLY D 221 -16.12 30.40 19.82
N SER D 222 -16.28 29.48 18.87
CA SER D 222 -17.59 29.16 18.30
C SER D 222 -18.39 28.23 19.21
N ASP D 223 -19.70 28.22 19.02
CA ASP D 223 -20.62 27.38 19.82
C ASP D 223 -20.46 25.87 19.53
N THR D 224 -20.68 25.06 20.56
CA THR D 224 -20.64 23.59 20.46
C THR D 224 -21.94 22.90 20.90
N ILE D 225 -22.03 21.58 20.67
CA ILE D 225 -23.25 20.80 20.94
C ILE D 225 -23.06 19.66 21.96
N ILE D 226 -23.99 19.55 22.91
CA ILE D 226 -24.06 18.39 23.84
C ILE D 226 -24.63 17.17 23.10
N PRO D 227 -23.86 16.06 23.00
CA PRO D 227 -24.29 14.90 22.20
C PRO D 227 -25.34 14.02 22.90
N ASP D 228 -26.53 14.58 23.13
CA ASP D 228 -27.63 13.94 23.86
C ASP D 228 -28.95 14.45 23.24
N PRO D 229 -29.98 13.58 23.10
CA PRO D 229 -31.24 13.95 22.43
C PRO D 229 -31.99 15.19 22.98
N SER D 230 -31.89 15.46 24.29
CA SER D 230 -32.47 16.71 24.82
C SER D 230 -31.43 17.81 25.00
N GLY D 231 -30.25 17.43 25.50
CA GLY D 231 -29.14 18.36 25.67
C GLY D 231 -28.73 19.12 24.40
N LYS D 232 -28.87 18.46 23.24
CA LYS D 232 -28.56 19.10 21.95
C LYS D 232 -29.43 20.33 21.65
N LEU D 233 -30.63 20.37 22.22
CA LEU D 233 -31.60 21.45 21.96
C LEU D 233 -31.16 22.81 22.55
N LYS D 234 -30.22 22.77 23.49
CA LYS D 234 -29.58 24.00 23.99
C LYS D 234 -28.87 24.75 22.84
N TYR D 235 -28.09 24.03 22.03
CA TYR D 235 -27.43 24.63 20.85
C TYR D 235 -28.42 25.10 19.79
N PHE D 236 -29.44 24.30 19.52
CA PHE D 236 -30.38 24.56 18.42
C PHE D 236 -31.41 25.67 18.70
N ASP D 237 -31.51 26.10 19.97
CA ASP D 237 -32.38 27.22 20.41
C ASP D 237 -32.07 28.51 19.64
N LYS D 238 -30.79 28.75 19.34
CA LYS D 238 -30.39 29.96 18.60
C LYS D 238 -30.88 30.03 17.14
N MET D 239 -31.41 28.93 16.62
CA MET D 239 -31.92 28.90 15.24
C MET D 239 -33.28 29.58 15.12
N HIS E 44 -31.84 -19.69 1.15
CA HIS E 44 -32.30 -19.02 2.41
C HIS E 44 -31.52 -19.55 3.61
N LEU E 45 -30.80 -18.65 4.27
CA LEU E 45 -30.00 -18.96 5.45
C LEU E 45 -30.58 -18.26 6.67
N SER E 46 -30.42 -18.89 7.83
CA SER E 46 -30.97 -18.41 9.10
C SER E 46 -30.41 -19.28 10.23
N LYS E 47 -30.42 -18.77 11.45
CA LYS E 47 -30.12 -19.58 12.64
C LYS E 47 -31.39 -19.96 13.42
N ALA E 48 -32.54 -19.44 12.98
CA ALA E 48 -33.82 -19.69 13.65
C ALA E 48 -34.42 -21.07 13.30
N LYS E 49 -34.55 -21.92 14.32
CA LYS E 49 -35.12 -23.27 14.14
C LYS E 49 -36.11 -23.58 15.26
N ILE E 50 -37.34 -23.93 14.88
CA ILE E 50 -38.36 -24.28 15.87
C ILE E 50 -37.96 -25.55 16.63
N SER E 51 -38.14 -25.51 17.96
CA SER E 51 -37.82 -26.62 18.90
C SER E 51 -36.34 -26.65 19.31
N LYS E 52 -35.60 -25.61 18.92
CA LYS E 52 -34.19 -25.41 19.28
C LYS E 52 -34.03 -24.03 19.94
N PRO E 53 -32.91 -23.81 20.66
CA PRO E 53 -32.72 -22.51 21.32
C PRO E 53 -32.74 -21.34 20.33
N ALA E 54 -33.52 -20.30 20.65
CA ALA E 54 -33.55 -19.07 19.83
C ALA E 54 -32.19 -18.37 19.81
N PRO E 55 -31.75 -17.88 18.63
CA PRO E 55 -30.45 -17.22 18.51
C PRO E 55 -30.27 -16.04 19.47
N GLN E 56 -29.14 -15.97 20.15
CA GLN E 56 -28.85 -14.84 21.03
C GLN E 56 -28.85 -13.51 20.25
N TRP E 57 -29.30 -12.46 20.92
CA TRP E 57 -29.15 -11.07 20.45
C TRP E 57 -28.84 -10.09 21.58
N GLU E 58 -28.10 -9.02 21.24
CA GLU E 58 -27.81 -7.88 22.11
C GLU E 58 -27.82 -6.59 21.28
N GLY E 59 -28.34 -5.51 21.83
CA GLY E 59 -28.27 -4.20 21.16
C GLY E 59 -28.80 -3.07 22.02
N THR E 60 -28.78 -1.86 21.46
CA THR E 60 -29.33 -0.67 22.12
C THR E 60 -30.84 -0.57 21.86
N ALA E 61 -31.60 -0.31 22.93
CA ALA E 61 -33.05 -0.12 22.83
C ALA E 61 -33.50 1.21 23.45
N VAL E 62 -34.65 1.70 23.00
CA VAL E 62 -35.28 2.84 23.67
C VAL E 62 -36.27 2.28 24.70
N ILE E 63 -36.02 2.57 25.97
CA ILE E 63 -36.89 2.15 27.07
C ILE E 63 -37.22 3.36 27.93
N ASN E 64 -38.51 3.70 27.98
CA ASN E 64 -39.00 4.90 28.67
C ASN E 64 -38.22 6.15 28.27
N GLY E 65 -38.03 6.32 26.96
CA GLY E 65 -37.33 7.47 26.38
C GLY E 65 -35.85 7.59 26.68
N GLU E 66 -35.23 6.53 27.20
CA GLU E 66 -33.79 6.51 27.47
C GLU E 66 -33.13 5.38 26.67
N PHE E 67 -31.83 5.50 26.39
CA PHE E 67 -31.09 4.44 25.68
C PHE E 67 -30.52 3.43 26.68
N LYS E 68 -30.79 2.14 26.48
CA LYS E 68 -30.30 1.08 27.37
C LYS E 68 -29.91 -0.21 26.60
N GLU E 69 -28.89 -0.89 27.06
CA GLU E 69 -28.51 -2.16 26.46
C GLU E 69 -29.49 -3.24 26.88
N LEU E 70 -29.85 -4.09 25.94
CA LEU E 70 -30.86 -5.13 26.11
C LEU E 70 -30.42 -6.44 25.42
N LYS E 71 -30.67 -7.58 26.09
CA LYS E 71 -30.27 -8.92 25.60
C LYS E 71 -31.41 -9.91 25.68
N LEU E 72 -31.41 -10.91 24.80
CA LEU E 72 -32.44 -11.95 24.84
C LEU E 72 -32.46 -12.68 26.19
N SER E 73 -31.28 -12.90 26.75
CA SER E 73 -31.15 -13.66 28.00
C SER E 73 -31.70 -12.92 29.22
N ASP E 74 -31.91 -11.60 29.09
CA ASP E 74 -32.61 -10.81 30.10
C ASP E 74 -34.04 -11.33 30.36
N TYR E 75 -34.58 -12.09 29.40
CA TYR E 75 -35.97 -12.57 29.47
C TYR E 75 -36.14 -14.05 29.89
N ARG E 76 -35.06 -14.71 30.29
CA ARG E 76 -35.16 -16.07 30.84
C ARG E 76 -36.16 -16.10 31.99
N GLY E 77 -37.06 -17.10 31.97
CA GLY E 77 -38.09 -17.23 33.00
C GLY E 77 -39.49 -16.80 32.56
N LYS E 78 -39.55 -16.06 31.45
CA LYS E 78 -40.83 -15.57 30.89
C LYS E 78 -40.93 -15.95 29.43
N TYR E 79 -42.16 -16.02 28.91
CA TYR E 79 -42.36 -16.11 27.46
C TYR E 79 -42.01 -14.76 26.85
N LEU E 80 -41.61 -14.77 25.57
CA LEU E 80 -41.32 -13.51 24.87
C LEU E 80 -41.93 -13.53 23.49
N VAL E 81 -42.63 -12.45 23.17
CA VAL E 81 -43.07 -12.17 21.81
C VAL E 81 -42.04 -11.17 21.25
N PHE E 82 -41.26 -11.61 20.26
CA PHE E 82 -40.16 -10.84 19.69
C PHE E 82 -40.50 -10.62 18.21
N PHE E 83 -40.75 -9.37 17.81
CA PHE E 83 -41.19 -9.11 16.42
C PHE E 83 -40.43 -7.99 15.70
N PHE E 84 -40.21 -8.19 14.40
CA PHE E 84 -39.54 -7.22 13.52
C PHE E 84 -40.60 -6.48 12.72
N TYR E 85 -40.35 -5.21 12.40
CA TYR E 85 -41.17 -4.45 11.42
C TYR E 85 -40.24 -3.75 10.39
N PRO E 86 -40.69 -3.53 9.13
CA PRO E 86 -39.82 -2.88 8.13
C PRO E 86 -39.11 -1.55 8.52
N LEU E 87 -39.87 -0.46 8.71
CA LEU E 87 -39.27 0.90 8.76
C LEU E 87 -40.06 1.92 9.58
N ASP E 88 -39.35 2.69 10.41
CA ASP E 88 -39.95 3.82 11.15
C ASP E 88 -40.51 4.83 10.15
N PHE E 89 -41.57 5.54 10.56
CA PHE E 89 -42.21 6.59 9.75
C PHE E 89 -42.93 6.07 8.50
N THR E 90 -43.33 4.80 8.52
CA THR E 90 -44.15 4.23 7.44
C THR E 90 -45.60 3.96 7.88
N PHE E 91 -46.24 2.95 7.29
CA PHE E 91 -47.70 2.86 7.22
C PHE E 91 -48.35 1.78 8.10
N VAL E 92 -48.12 0.51 7.79
CA VAL E 92 -48.67 -0.59 8.60
C VAL E 92 -47.95 -0.66 9.94
N CYS E 93 -46.64 -0.44 9.91
CA CYS E 93 -45.76 -0.56 11.08
C CYS E 93 -46.24 0.13 12.39
N PRO E 94 -46.57 1.45 12.35
CA PRO E 94 -47.03 2.07 13.59
C PRO E 94 -48.31 1.44 14.17
N THR E 95 -49.18 0.93 13.32
CA THR E 95 -50.40 0.27 13.79
C THR E 95 -50.15 -1.04 14.55
N GLU E 96 -49.11 -1.79 14.16
CA GLU E 96 -48.76 -3.05 14.85
C GLU E 96 -48.13 -2.79 16.21
N ILE E 97 -47.24 -1.81 16.27
CA ILE E 97 -46.50 -1.43 17.47
C ILE E 97 -47.45 -0.83 18.53
N ILE E 98 -48.38 0.03 18.07
CA ILE E 98 -49.34 0.69 18.96
C ILE E 98 -50.30 -0.34 19.59
N ALA E 99 -50.79 -1.26 18.77
CA ALA E 99 -51.69 -2.34 19.21
C ALA E 99 -51.08 -3.23 20.31
N PHE E 100 -49.77 -3.51 20.21
CA PHE E 100 -49.06 -4.29 21.23
C PHE E 100 -48.76 -3.48 22.50
N SER E 101 -48.38 -2.21 22.36
CA SER E 101 -48.12 -1.34 23.53
C SER E 101 -49.38 -1.11 24.35
N ASP E 102 -50.51 -0.90 23.66
CA ASP E 102 -51.79 -0.62 24.30
C ASP E 102 -52.36 -1.85 25.03
N ARG E 103 -51.97 -3.04 24.58
CA ARG E 103 -52.48 -4.29 25.11
C ARG E 103 -51.44 -5.15 25.84
N VAL E 104 -50.29 -4.55 26.16
CA VAL E 104 -49.16 -5.30 26.74
C VAL E 104 -49.46 -5.85 28.16
N HIS E 105 -50.38 -5.20 28.87
CA HIS E 105 -50.82 -5.67 30.18
C HIS E 105 -51.49 -7.05 30.11
N GLU E 106 -52.14 -7.35 28.98
CA GLU E 106 -52.76 -8.67 28.74
C GLU E 106 -51.73 -9.79 28.63
N PHE E 107 -50.53 -9.44 28.18
CA PHE E 107 -49.43 -10.38 28.06
C PHE E 107 -48.68 -10.51 29.38
N ARG E 108 -48.45 -9.37 30.04
CA ARG E 108 -47.73 -9.35 31.31
C ARG E 108 -48.49 -10.04 32.45
N ALA E 109 -49.80 -10.18 32.28
CA ALA E 109 -50.66 -10.91 33.23
C ALA E 109 -50.39 -12.41 33.23
N ILE E 110 -49.94 -12.94 32.08
CA ILE E 110 -49.57 -14.36 31.95
C ILE E 110 -48.06 -14.57 31.75
N ASN E 111 -47.24 -13.77 32.43
CA ASN E 111 -45.78 -13.97 32.50
C ASN E 111 -45.12 -13.94 31.10
N THR E 112 -45.58 -13.01 30.26
CA THR E 112 -45.09 -12.85 28.88
C THR E 112 -44.73 -11.37 28.62
N GLU E 113 -43.61 -11.15 27.95
CA GLU E 113 -43.18 -9.80 27.59
C GLU E 113 -43.20 -9.63 26.06
N VAL E 114 -43.04 -8.39 25.60
CA VAL E 114 -43.10 -8.04 24.16
C VAL E 114 -41.98 -7.05 23.78
N VAL E 115 -41.25 -7.36 22.71
CA VAL E 115 -40.17 -6.48 22.20
C VAL E 115 -40.30 -6.32 20.67
N ALA E 116 -40.19 -5.07 20.19
CA ALA E 116 -40.18 -4.74 18.76
C ALA E 116 -38.78 -4.33 18.27
N CYS E 117 -38.49 -4.55 16.98
CA CYS E 117 -37.14 -4.31 16.42
C CYS E 117 -37.19 -3.91 14.92
N SER E 118 -36.40 -2.93 14.52
CA SER E 118 -36.16 -2.64 13.10
C SER E 118 -34.70 -2.24 12.86
N VAL E 119 -34.33 -2.11 11.58
CA VAL E 119 -32.97 -1.67 11.20
C VAL E 119 -32.67 -0.18 11.47
N ASP E 120 -33.70 0.60 11.83
CA ASP E 120 -33.53 2.02 12.16
C ASP E 120 -32.67 2.26 13.40
N SER E 121 -32.02 3.43 13.48
CA SER E 121 -31.18 3.79 14.63
C SER E 121 -32.03 4.10 15.87
N GLN E 122 -31.38 4.11 17.05
CA GLN E 122 -32.06 4.49 18.30
C GLN E 122 -32.48 5.98 18.32
N PHE E 123 -31.75 6.82 17.59
CA PHE E 123 -32.07 8.25 17.49
C PHE E 123 -33.35 8.47 16.66
N THR E 124 -33.50 7.71 15.57
CA THR E 124 -34.75 7.68 14.82
C THR E 124 -35.94 7.08 15.61
N HIS E 125 -35.70 5.99 16.36
CA HIS E 125 -36.75 5.41 17.23
C HIS E 125 -37.34 6.47 18.18
N LEU E 126 -36.48 7.21 18.87
CA LEU E 126 -36.92 8.23 19.83
C LEU E 126 -37.67 9.39 19.16
N ALA E 127 -37.16 9.85 18.00
CA ALA E 127 -37.88 10.84 17.18
C ALA E 127 -39.31 10.40 16.83
N TRP E 128 -39.47 9.12 16.47
CA TRP E 128 -40.77 8.57 16.12
C TRP E 128 -41.71 8.46 17.34
N ILE E 129 -41.14 8.22 18.51
CA ILE E 129 -41.90 8.16 19.78
C ILE E 129 -42.32 9.58 20.24
N ILE E 130 -41.48 10.58 19.97
CA ILE E 130 -41.80 12.00 20.29
C ILE E 130 -42.89 12.56 19.35
N THR E 131 -42.98 12.01 18.14
CA THR E 131 -44.02 12.36 17.16
C THR E 131 -45.42 11.89 17.61
N PRO E 132 -46.41 12.82 17.60
CA PRO E 132 -47.81 12.50 17.95
C PRO E 132 -48.46 11.47 17.03
N ARG E 133 -49.34 10.63 17.59
CA ARG E 133 -50.11 9.63 16.83
C ARG E 133 -50.91 10.16 15.63
N LYS E 134 -51.43 11.39 15.73
CA LYS E 134 -52.19 12.00 14.61
C LYS E 134 -51.33 12.23 13.36
N GLN E 135 -50.03 12.39 13.57
CA GLN E 135 -49.10 12.63 12.47
C GLN E 135 -48.35 11.34 12.04
N GLY E 136 -48.91 10.20 12.45
CA GLY E 136 -48.34 8.88 12.12
C GLY E 136 -47.20 8.44 13.00
N GLY E 137 -47.05 9.09 14.15
CA GLY E 137 -46.06 8.73 15.16
C GLY E 137 -46.59 7.69 16.13
N LEU E 138 -45.84 7.44 17.21
CA LEU E 138 -46.22 6.43 18.19
C LEU E 138 -46.75 6.98 19.54
N GLY E 139 -46.20 8.12 19.98
CA GLY E 139 -46.42 8.62 21.34
C GLY E 139 -45.60 7.82 22.36
N PRO E 140 -45.75 8.12 23.67
CA PRO E 140 -44.99 7.36 24.69
C PRO E 140 -45.28 5.85 24.63
N MET E 141 -44.24 5.04 24.80
CA MET E 141 -44.37 3.60 24.61
C MET E 141 -44.19 2.80 25.90
N LYS E 142 -44.84 1.64 25.95
CA LYS E 142 -44.73 0.72 27.09
C LYS E 142 -43.85 -0.52 26.83
N ILE E 143 -43.45 -0.71 25.56
CA ILE E 143 -42.54 -1.80 25.16
C ILE E 143 -41.25 -1.25 24.54
N PRO E 144 -40.11 -1.95 24.74
CA PRO E 144 -38.84 -1.45 24.18
C PRO E 144 -38.83 -1.48 22.65
N LEU E 145 -38.14 -0.52 22.03
CA LEU E 145 -37.84 -0.55 20.58
C LEU E 145 -36.35 -0.80 20.38
N LEU E 146 -36.02 -1.98 19.84
CA LEU E 146 -34.63 -2.40 19.65
C LEU E 146 -34.12 -1.93 18.27
N SER E 147 -32.88 -1.46 18.22
CA SER E 147 -32.23 -1.03 16.97
C SER E 147 -31.23 -2.09 16.46
N ASP E 148 -31.32 -2.41 15.16
CA ASP E 148 -30.42 -3.37 14.46
C ASP E 148 -29.68 -2.72 13.27
N LEU E 149 -28.96 -1.62 13.52
CA LEU E 149 -28.25 -0.91 12.45
C LEU E 149 -27.29 -1.78 11.61
N THR E 150 -26.60 -2.74 12.25
CA THR E 150 -25.62 -3.61 11.54
C THR E 150 -26.25 -4.71 10.68
N HIS E 151 -27.56 -4.92 10.86
CA HIS E 151 -28.35 -5.97 10.21
C HIS E 151 -28.08 -7.40 10.72
N GLN E 152 -27.21 -7.55 11.72
CA GLN E 152 -26.84 -8.90 12.16
C GLN E 152 -27.98 -9.69 12.83
N ILE E 153 -28.77 -9.02 13.67
CA ILE E 153 -29.91 -9.68 14.34
C ILE E 153 -30.92 -10.17 13.29
N SER E 154 -31.25 -9.31 12.32
CA SER E 154 -32.20 -9.63 11.25
C SER E 154 -31.75 -10.80 10.38
N LYS E 155 -30.45 -10.87 10.08
CA LYS E 155 -29.93 -11.99 9.28
C LYS E 155 -29.92 -13.30 10.08
N ASP E 156 -29.58 -13.23 11.37
CA ASP E 156 -29.66 -14.40 12.27
C ASP E 156 -31.08 -15.00 12.36
N TYR E 157 -32.10 -14.13 12.31
CA TYR E 157 -33.50 -14.56 12.39
C TYR E 157 -34.16 -14.86 11.04
N GLY E 158 -33.39 -14.70 9.96
CA GLY E 158 -33.88 -15.04 8.60
C GLY E 158 -34.95 -14.10 8.01
N VAL E 159 -34.98 -12.85 8.45
CA VAL E 159 -36.01 -11.89 8.02
C VAL E 159 -35.52 -10.70 7.17
N TYR E 160 -34.21 -10.66 6.89
CA TYR E 160 -33.61 -9.54 6.14
C TYR E 160 -33.88 -9.67 4.63
N LEU E 161 -34.30 -8.57 4.00
CA LEU E 161 -34.47 -8.53 2.55
C LEU E 161 -33.28 -7.81 1.90
N GLU E 162 -32.39 -8.60 1.30
CA GLU E 162 -31.14 -8.09 0.71
C GLU E 162 -31.32 -6.98 -0.35
N ASP E 163 -32.36 -7.10 -1.18
CA ASP E 163 -32.63 -6.11 -2.24
C ASP E 163 -33.13 -4.76 -1.68
N GLN E 164 -33.81 -4.80 -0.54
CA GLN E 164 -34.45 -3.60 0.04
C GLN E 164 -33.68 -2.94 1.19
N GLY E 165 -32.85 -3.71 1.90
CA GLY E 165 -32.09 -3.21 3.03
C GLY E 165 -32.88 -3.04 4.33
N HIS E 166 -33.98 -3.77 4.46
CA HIS E 166 -34.76 -3.80 5.72
C HIS E 166 -35.44 -5.16 5.88
N THR E 167 -36.17 -5.37 6.99
CA THR E 167 -36.83 -6.65 7.25
C THR E 167 -38.25 -6.74 6.65
N LEU E 168 -38.77 -7.96 6.50
CA LEU E 168 -40.23 -8.13 6.31
C LEU E 168 -40.93 -8.13 7.68
N ARG E 169 -42.19 -8.59 7.74
CA ARG E 169 -42.94 -8.61 9.00
C ARG E 169 -42.80 -9.98 9.70
N GLY E 170 -41.76 -10.16 10.50
CA GLY E 170 -41.51 -11.46 11.18
C GLY E 170 -41.70 -11.48 12.70
N LEU E 171 -42.47 -12.46 13.19
CA LEU E 171 -42.78 -12.57 14.62
C LEU E 171 -42.37 -13.94 15.16
N PHE E 172 -41.85 -13.97 16.39
CA PHE E 172 -41.30 -15.19 16.98
C PHE E 172 -41.80 -15.35 18.42
N ILE E 173 -42.33 -16.53 18.76
CA ILE E 173 -42.71 -16.80 20.17
C ILE E 173 -41.68 -17.72 20.83
N ILE E 174 -41.09 -17.25 21.92
CA ILE E 174 -39.98 -17.91 22.61
C ILE E 174 -40.39 -18.27 24.06
N ASP E 175 -40.20 -19.52 24.47
CA ASP E 175 -40.65 -19.97 25.82
C ASP E 175 -39.71 -19.56 26.98
N GLU E 176 -40.02 -19.99 28.21
CA GLU E 176 -39.22 -19.60 29.40
C GLU E 176 -37.80 -20.15 29.40
N LYS E 177 -37.60 -21.27 28.72
CA LYS E 177 -36.27 -21.89 28.67
C LYS E 177 -35.43 -21.37 27.49
N GLY E 178 -36.02 -20.47 26.71
CA GLY E 178 -35.31 -19.84 25.58
C GLY E 178 -35.46 -20.60 24.27
N VAL E 179 -36.40 -21.55 24.24
CA VAL E 179 -36.62 -22.38 23.06
C VAL E 179 -37.67 -21.72 22.13
N LEU E 180 -37.36 -21.69 20.83
CA LEU E 180 -38.30 -21.15 19.84
C LEU E 180 -39.50 -22.08 19.56
N ARG E 181 -40.72 -21.54 19.70
CA ARG E 181 -41.95 -22.32 19.51
C ARG E 181 -42.77 -22.00 18.24
N GLN E 182 -42.66 -20.79 17.71
CA GLN E 182 -43.56 -20.36 16.61
C GLN E 182 -42.91 -19.27 15.75
N ILE E 183 -43.16 -19.34 14.45
CA ILE E 183 -42.70 -18.31 13.49
C ILE E 183 -43.87 -17.89 12.59
N THR E 184 -44.09 -16.57 12.49
CA THR E 184 -45.09 -16.00 11.57
C THR E 184 -44.43 -14.91 10.73
N MET E 185 -44.54 -15.01 9.40
CA MET E 185 -43.89 -14.04 8.49
C MET E 185 -44.86 -13.55 7.40
N ASN E 186 -45.03 -12.23 7.30
CA ASN E 186 -45.95 -11.61 6.30
C ASN E 186 -45.18 -10.74 5.28
N ASP E 187 -45.62 -10.74 4.02
CA ASP E 187 -45.18 -9.76 3.00
C ASP E 187 -45.57 -8.32 3.46
N LEU E 188 -44.98 -7.30 2.85
CA LEU E 188 -45.04 -5.91 3.36
C LEU E 188 -46.44 -5.25 3.55
N PRO E 189 -47.40 -5.51 2.64
CA PRO E 189 -48.67 -4.74 2.73
C PRO E 189 -49.79 -5.27 3.65
N VAL E 190 -49.51 -6.30 4.46
CA VAL E 190 -50.54 -6.93 5.32
C VAL E 190 -50.09 -7.09 6.78
N GLY E 191 -50.79 -6.43 7.69
CA GLY E 191 -50.46 -6.45 9.11
C GLY E 191 -50.81 -7.75 9.83
N ARG E 192 -50.18 -7.96 10.99
CA ARG E 192 -50.39 -9.16 11.82
C ARG E 192 -51.58 -8.97 12.79
N SER E 193 -51.78 -9.92 13.73
CA SER E 193 -52.94 -9.91 14.65
C SER E 193 -52.52 -10.13 16.11
N VAL E 194 -52.86 -9.20 17.00
CA VAL E 194 -52.58 -9.35 18.44
C VAL E 194 -53.43 -10.48 19.03
N ASP E 195 -54.66 -10.62 18.53
CA ASP E 195 -55.60 -11.68 18.94
C ASP E 195 -55.07 -13.10 18.66
N GLU E 196 -54.58 -13.33 17.44
CA GLU E 196 -54.01 -14.65 17.09
C GLU E 196 -52.73 -14.93 17.87
N THR E 197 -51.92 -13.89 18.10
CA THR E 197 -50.68 -13.99 18.87
C THR E 197 -50.97 -14.41 20.32
N LEU E 198 -51.97 -13.78 20.94
CA LEU E 198 -52.43 -14.14 22.29
C LEU E 198 -52.94 -15.59 22.40
N ARG E 199 -53.76 -16.01 21.44
CA ARG E 199 -54.25 -17.39 21.36
C ARG E 199 -53.08 -18.40 21.39
N LEU E 200 -52.02 -18.08 20.62
CA LEU E 200 -50.88 -18.98 20.50
C LEU E 200 -50.07 -19.09 21.80
N VAL E 201 -49.86 -17.96 22.47
CA VAL E 201 -49.16 -17.97 23.76
C VAL E 201 -49.95 -18.80 24.79
N GLN E 202 -51.27 -18.63 24.79
CA GLN E 202 -52.17 -19.40 25.66
C GLN E 202 -52.07 -20.92 25.42
N ALA E 203 -52.06 -21.30 24.15
CA ALA E 203 -52.01 -22.70 23.76
C ALA E 203 -50.69 -23.39 24.14
N PHE E 204 -49.57 -22.69 23.96
CA PHE E 204 -48.27 -23.24 24.32
C PHE E 204 -48.12 -23.37 25.83
N GLN E 205 -48.64 -22.39 26.56
CA GLN E 205 -48.62 -22.43 28.01
C GLN E 205 -49.47 -23.57 28.59
N TYR E 206 -50.62 -23.84 27.96
CA TYR E 206 -51.49 -24.96 28.34
C TYR E 206 -50.79 -26.31 28.13
N THR E 207 -50.32 -26.57 26.90
CA THR E 207 -49.62 -27.83 26.58
C THR E 207 -48.32 -28.06 27.36
N ASP E 208 -47.62 -26.99 27.74
CA ASP E 208 -46.44 -27.08 28.61
C ASP E 208 -46.82 -27.65 29.98
N LYS E 209 -48.00 -27.27 30.48
CA LYS E 209 -48.39 -27.59 31.85
C LYS E 209 -49.13 -28.92 31.98
N HIS E 210 -50.02 -29.20 31.03
CA HIS E 210 -50.94 -30.33 31.17
C HIS E 210 -50.59 -31.59 30.37
N GLY E 211 -49.92 -31.43 29.23
CA GLY E 211 -49.60 -32.59 28.39
C GLY E 211 -50.83 -33.27 27.80
N GLU E 212 -51.72 -32.46 27.28
CA GLU E 212 -52.71 -32.88 26.29
C GLU E 212 -52.35 -31.98 25.09
N VAL E 213 -52.95 -32.20 23.90
CA VAL E 213 -52.63 -31.36 22.73
C VAL E 213 -53.85 -30.58 22.19
N CYS E 214 -53.59 -29.49 21.45
CA CYS E 214 -54.63 -28.50 21.09
C CYS E 214 -55.06 -28.57 19.64
N PRO E 215 -56.34 -28.89 19.38
CA PRO E 215 -56.84 -29.02 18.01
C PRO E 215 -56.85 -27.70 17.26
N ALA E 216 -57.07 -27.76 15.95
CA ALA E 216 -57.22 -26.57 15.10
C ALA E 216 -58.24 -25.63 15.72
N GLY E 217 -57.85 -24.36 15.90
CA GLY E 217 -58.75 -23.31 16.39
C GLY E 217 -59.01 -23.22 17.89
N TRP E 218 -58.21 -23.92 18.69
CA TRP E 218 -58.38 -23.95 20.15
C TRP E 218 -58.34 -22.56 20.79
N LYS E 219 -59.26 -22.32 21.71
CA LYS E 219 -59.24 -21.15 22.59
C LYS E 219 -59.47 -21.70 24.00
N PRO E 220 -59.09 -20.95 25.06
CA PRO E 220 -59.35 -21.48 26.39
C PRO E 220 -60.80 -21.97 26.55
N GLY E 221 -60.96 -23.14 27.16
CA GLY E 221 -62.28 -23.73 27.39
C GLY E 221 -62.69 -24.76 26.35
N SER E 222 -61.89 -24.89 25.27
CA SER E 222 -62.17 -25.84 24.20
C SER E 222 -61.67 -27.24 24.55
N ASP E 223 -62.17 -28.24 23.83
CA ASP E 223 -61.78 -29.65 24.01
C ASP E 223 -60.37 -29.92 23.51
N THR E 224 -59.64 -30.77 24.25
CA THR E 224 -58.27 -31.19 23.92
C THR E 224 -58.14 -32.70 23.66
N ILE E 225 -56.95 -33.14 23.27
CA ILE E 225 -56.69 -34.56 22.94
C ILE E 225 -55.56 -35.14 23.81
N ILE E 226 -55.76 -36.35 24.36
CA ILE E 226 -54.68 -37.10 25.00
C ILE E 226 -53.82 -37.77 23.90
N PRO E 227 -52.50 -37.45 23.84
CA PRO E 227 -51.68 -37.94 22.73
C PRO E 227 -51.20 -39.40 22.89
N ASP E 228 -52.15 -40.33 22.89
CA ASP E 228 -51.91 -41.78 23.00
C ASP E 228 -52.86 -42.47 22.02
N PRO E 229 -52.43 -43.58 21.38
CA PRO E 229 -53.32 -44.20 20.39
C PRO E 229 -54.66 -44.72 20.94
N SER E 230 -54.73 -44.98 22.26
CA SER E 230 -56.00 -45.41 22.88
C SER E 230 -56.73 -44.24 23.51
N GLY E 231 -56.01 -43.43 24.29
CA GLY E 231 -56.56 -42.26 24.96
C GLY E 231 -57.16 -41.18 24.06
N LYS E 232 -56.75 -41.17 22.78
CA LYS E 232 -57.24 -40.17 21.82
C LYS E 232 -58.70 -40.38 21.44
N LEU E 233 -59.17 -41.62 21.58
CA LEU E 233 -60.51 -42.02 21.14
C LEU E 233 -61.63 -41.39 21.96
N LYS E 234 -61.28 -40.89 23.14
CA LYS E 234 -62.19 -40.14 23.99
C LYS E 234 -62.64 -38.84 23.30
N TYR E 235 -61.68 -38.15 22.69
CA TYR E 235 -61.94 -36.90 21.96
C TYR E 235 -62.73 -37.16 20.69
N PHE E 236 -62.30 -38.17 19.92
CA PHE E 236 -62.91 -38.47 18.62
C PHE E 236 -64.31 -39.09 18.72
N ASP E 237 -64.71 -39.49 19.93
CA ASP E 237 -66.06 -40.03 20.20
C ASP E 237 -67.16 -39.07 19.79
N LYS E 238 -66.88 -37.78 19.98
CA LYS E 238 -67.81 -36.67 19.69
C LYS E 238 -67.88 -36.33 18.19
#